data_2JUC
#
_entry.id   2JUC
#
_entity_poly.entity_id   1
_entity_poly.type   'polypeptide(L)'
_entity_poly.pdbx_seq_one_letter_code
;GAMGDIDERNIFFELFDRYKLDKFSTWSLQSKKIENDPDFYKIRDDTVRESLFEEWCGE
;
_entity_poly.pdbx_strand_id   A
#
# COMPACT_ATOMS: atom_id res chain seq x y z
N ASP A 5 11.66 -2.42 -8.17
CA ASP A 5 11.81 -3.86 -8.31
C ASP A 5 12.02 -4.49 -6.94
N ILE A 6 10.90 -4.69 -6.24
CA ILE A 6 10.85 -5.20 -4.87
C ILE A 6 11.91 -4.60 -3.95
N ASP A 7 11.50 -3.54 -3.27
CA ASP A 7 12.33 -2.85 -2.29
C ASP A 7 11.58 -1.79 -1.60
N GLU A 8 11.06 -1.18 -2.49
CA GLU A 8 10.19 -0.01 -2.34
C GLU A 8 8.79 -0.45 -1.92
N ARG A 9 8.47 -1.69 -2.26
CA ARG A 9 7.20 -2.29 -1.89
C ARG A 9 6.96 -2.26 -0.38
N ASN A 10 7.96 -2.70 0.37
CA ASN A 10 7.85 -2.80 1.84
C ASN A 10 7.62 -1.45 2.46
N ILE A 11 7.92 -0.40 1.72
CA ILE A 11 7.60 0.92 2.15
C ILE A 11 6.08 1.04 2.32
N PHE A 12 5.31 0.52 1.36
CA PHE A 12 3.87 0.73 1.39
C PHE A 12 3.16 -0.10 2.44
N PHE A 13 3.39 -1.42 2.50
CA PHE A 13 3.08 -2.30 3.67
C PHE A 13 3.41 -1.58 4.98
N GLU A 14 4.58 -0.93 5.02
CA GLU A 14 5.00 -0.19 6.21
C GLU A 14 4.04 0.95 6.46
N LEU A 15 3.79 1.72 5.40
CA LEU A 15 2.76 2.75 5.42
C LEU A 15 1.43 2.10 5.71
N PHE A 16 1.28 0.87 5.22
CA PHE A 16 0.05 0.22 5.17
C PHE A 16 -0.29 -0.28 6.57
N ASP A 17 0.76 -0.62 7.32
CA ASP A 17 0.65 -0.95 8.74
C ASP A 17 0.55 0.30 9.59
N ARG A 18 1.30 1.31 9.18
CA ARG A 18 1.30 2.61 9.83
C ARG A 18 -0.13 3.12 10.03
N TYR A 19 -0.99 2.83 9.07
CA TYR A 19 -2.38 3.24 9.15
C TYR A 19 -3.27 2.01 9.33
N LYS A 20 -2.62 0.89 9.66
CA LYS A 20 -3.27 -0.41 9.87
C LYS A 20 -4.41 -0.64 8.91
N LEU A 21 -4.07 -0.97 7.69
CA LEU A 21 -5.06 -1.23 6.67
C LEU A 21 -5.66 -2.60 6.87
N ASP A 22 -6.44 -3.01 5.92
CA ASP A 22 -6.77 -4.41 5.73
C ASP A 22 -6.28 -4.81 4.36
N LYS A 23 -5.21 -5.57 4.38
CA LYS A 23 -4.45 -5.92 3.16
C LYS A 23 -5.20 -6.98 2.35
N PHE A 24 -6.35 -7.38 2.88
CA PHE A 24 -7.19 -8.40 2.25
C PHE A 24 -8.55 -7.82 1.84
N SER A 25 -9.17 -7.08 2.77
CA SER A 25 -10.52 -6.55 2.60
C SER A 25 -10.72 -5.87 1.25
N THR A 26 -10.21 -4.67 1.11
CA THR A 26 -10.23 -3.99 -0.16
C THR A 26 -8.92 -3.38 -0.38
N TRP A 27 -8.65 -3.15 -1.60
CA TRP A 27 -7.43 -2.47 -1.88
C TRP A 27 -7.55 -1.04 -1.48
N SER A 28 -8.60 -0.41 -1.96
CA SER A 28 -8.74 0.96 -1.72
C SER A 28 -9.31 1.40 -0.41
N LEU A 29 -10.25 0.68 0.17
CA LEU A 29 -10.78 1.15 1.44
C LEU A 29 -9.59 1.46 2.32
N GLN A 30 -8.55 0.69 2.05
CA GLN A 30 -7.25 0.91 2.64
C GLN A 30 -6.47 2.02 1.87
N SER A 31 -6.44 1.93 0.52
CA SER A 31 -5.67 2.88 -0.31
C SER A 31 -6.31 4.24 -0.58
N LYS A 32 -7.60 4.30 -0.83
CA LYS A 32 -8.29 5.58 -0.91
C LYS A 32 -8.23 6.26 0.46
N LYS A 33 -7.77 5.47 1.42
CA LYS A 33 -7.65 5.92 2.79
C LYS A 33 -6.24 6.48 3.02
N ILE A 34 -5.25 5.80 2.45
CA ILE A 34 -3.86 6.27 2.52
C ILE A 34 -3.59 7.24 1.38
N GLU A 35 -4.60 7.40 0.55
CA GLU A 35 -4.58 8.21 -0.67
C GLU A 35 -3.93 9.57 -0.50
N ASN A 36 -4.72 10.49 0.03
CA ASN A 36 -4.29 11.87 0.30
C ASN A 36 -2.95 11.95 1.03
N ASP A 37 -2.60 10.91 1.77
CA ASP A 37 -1.31 10.85 2.45
C ASP A 37 -0.18 10.85 1.44
N PRO A 38 0.85 11.70 1.64
CA PRO A 38 2.00 11.80 0.74
C PRO A 38 2.70 10.45 0.53
N ASP A 39 2.37 9.49 1.38
CA ASP A 39 3.00 8.18 1.35
C ASP A 39 2.42 7.30 0.26
N PHE A 40 1.14 7.49 -0.09
CA PHE A 40 0.56 6.80 -1.25
C PHE A 40 1.32 7.22 -2.50
N TYR A 41 1.88 8.42 -2.45
CA TYR A 41 2.61 8.98 -3.57
C TYR A 41 4.11 8.70 -3.44
N LYS A 42 4.49 7.81 -2.52
CA LYS A 42 5.88 7.33 -2.45
C LYS A 42 6.24 6.68 -3.78
N ILE A 43 5.27 5.97 -4.34
CA ILE A 43 5.41 5.38 -5.65
C ILE A 43 4.37 6.00 -6.58
N ARG A 44 4.81 6.45 -7.73
CA ARG A 44 3.92 7.13 -8.68
C ARG A 44 3.14 6.11 -9.49
N ASP A 45 3.54 4.86 -9.35
CA ASP A 45 2.86 3.76 -10.04
C ASP A 45 1.77 3.20 -9.14
N ASP A 46 0.54 3.56 -9.41
CA ASP A 46 -0.59 3.05 -8.65
C ASP A 46 -0.75 1.56 -8.90
N THR A 47 -0.33 1.13 -10.09
CA THR A 47 -0.38 -0.27 -10.49
C THR A 47 0.56 -1.13 -9.65
N VAL A 48 1.46 -0.47 -8.92
CA VAL A 48 2.39 -1.18 -8.04
C VAL A 48 1.90 -1.08 -6.59
N ARG A 49 1.27 0.05 -6.27
CA ARG A 49 0.78 0.32 -4.92
C ARG A 49 -0.09 -0.80 -4.41
N GLU A 50 -1.07 -1.21 -5.18
CA GLU A 50 -1.98 -2.20 -4.69
C GLU A 50 -1.42 -3.59 -4.76
N SER A 51 -0.53 -3.82 -5.67
CA SER A 51 0.24 -5.05 -5.66
C SER A 51 1.05 -5.17 -4.37
N LEU A 52 1.14 -4.06 -3.61
CA LEU A 52 2.02 -4.01 -2.45
C LEU A 52 1.45 -4.63 -1.26
N PHE A 53 0.36 -4.15 -1.12
CA PHE A 53 -0.60 -4.49 -0.21
C PHE A 53 -0.85 -5.99 -0.14
N GLU A 54 -0.92 -6.63 -1.31
CA GLU A 54 -1.19 -8.06 -1.40
C GLU A 54 0.00 -8.85 -0.90
N GLU A 55 1.20 -8.37 -1.17
CA GLU A 55 2.36 -9.08 -0.67
C GLU A 55 2.48 -8.89 0.82
N TRP A 56 2.41 -7.63 1.25
CA TRP A 56 2.56 -7.28 2.67
C TRP A 56 1.52 -7.99 3.52
N CYS A 57 0.40 -8.27 2.87
CA CYS A 57 -0.77 -8.86 3.50
C CYS A 57 -0.38 -10.17 4.17
N GLY A 58 0.45 -10.94 3.46
CA GLY A 58 0.97 -12.18 3.99
C GLY A 58 2.44 -12.26 3.74
N GLU A 59 3.09 -11.13 3.92
CA GLU A 59 4.49 -10.96 3.59
C GLU A 59 5.36 -11.37 4.77
N ASP A 5 13.09 -1.74 -6.89
CA ASP A 5 12.89 -3.19 -7.02
C ASP A 5 13.17 -3.86 -5.69
N ILE A 6 12.10 -4.41 -5.10
CA ILE A 6 12.08 -4.92 -3.73
C ILE A 6 12.79 -3.96 -2.77
N ASP A 7 11.99 -3.02 -2.31
CA ASP A 7 12.47 -1.87 -1.50
C ASP A 7 11.44 -0.81 -1.39
N GLU A 8 10.82 -0.82 -2.41
CA GLU A 8 9.72 0.05 -2.78
C GLU A 8 8.42 -0.44 -2.13
N ARG A 9 8.28 -1.74 -2.11
CA ARG A 9 7.05 -2.41 -1.73
C ARG A 9 6.83 -2.37 -0.22
N ASN A 10 7.86 -2.72 0.51
CA ASN A 10 7.81 -2.85 1.97
C ASN A 10 7.68 -1.47 2.59
N ILE A 11 7.82 -0.46 1.75
CA ILE A 11 7.48 0.88 2.12
C ILE A 11 5.98 0.99 2.29
N PHE A 12 5.19 0.44 1.36
CA PHE A 12 3.76 0.65 1.41
C PHE A 12 3.09 -0.18 2.49
N PHE A 13 3.31 -1.51 2.56
CA PHE A 13 3.02 -2.35 3.76
C PHE A 13 3.39 -1.59 5.05
N GLU A 14 4.54 -0.89 5.02
CA GLU A 14 5.00 -0.12 6.19
C GLU A 14 4.04 1.02 6.44
N LEU A 15 3.76 1.74 5.39
CA LEU A 15 2.73 2.76 5.41
C LEU A 15 1.41 2.11 5.74
N PHE A 16 1.26 0.87 5.29
CA PHE A 16 0.04 0.22 5.31
C PHE A 16 -0.16 -0.32 6.75
N ASP A 17 0.94 -0.53 7.42
CA ASP A 17 0.97 -0.85 8.84
C ASP A 17 0.80 0.41 9.65
N ARG A 18 1.56 1.41 9.24
CA ARG A 18 1.58 2.71 9.89
C ARG A 18 0.20 3.36 9.86
N TYR A 19 -0.61 2.98 8.89
CA TYR A 19 -1.96 3.52 8.79
C TYR A 19 -2.93 2.41 9.16
N LYS A 20 -2.34 1.27 9.55
CA LYS A 20 -3.04 0.05 9.93
C LYS A 20 -4.19 -0.24 9.01
N LEU A 21 -3.86 -0.85 7.90
CA LEU A 21 -4.86 -1.13 6.90
C LEU A 21 -5.49 -2.46 7.15
N ASP A 22 -6.59 -2.67 6.50
CA ASP A 22 -7.13 -4.00 6.40
C ASP A 22 -6.63 -4.57 5.12
N LYS A 23 -5.49 -5.21 5.27
CA LYS A 23 -4.77 -5.72 4.14
C LYS A 23 -5.59 -6.77 3.39
N PHE A 24 -6.38 -7.53 4.15
CA PHE A 24 -7.18 -8.63 3.61
C PHE A 24 -8.54 -8.15 3.10
N SER A 25 -8.70 -6.84 2.95
CA SER A 25 -9.98 -6.28 2.54
C SER A 25 -9.94 -5.86 1.06
N THR A 26 -10.06 -4.56 0.81
CA THR A 26 -10.05 -4.03 -0.55
C THR A 26 -8.79 -3.29 -0.75
N TRP A 27 -8.44 -3.20 -1.98
CA TRP A 27 -7.29 -2.41 -2.32
C TRP A 27 -7.60 -0.97 -2.08
N SER A 28 -8.71 -0.52 -2.64
CA SER A 28 -8.95 0.88 -2.59
C SER A 28 -9.53 1.43 -1.32
N LEU A 29 -10.27 0.67 -0.54
CA LEU A 29 -10.71 1.18 0.75
C LEU A 29 -9.46 1.70 1.44
N GLN A 30 -8.36 1.04 1.06
CA GLN A 30 -7.05 1.44 1.48
C GLN A 30 -6.51 2.58 0.60
N SER A 31 -6.60 2.38 -0.73
CA SER A 31 -6.02 3.30 -1.72
C SER A 31 -6.80 4.56 -2.06
N LYS A 32 -8.12 4.50 -2.16
CA LYS A 32 -8.88 5.72 -2.31
C LYS A 32 -8.76 6.50 -1.01
N LYS A 33 -8.19 5.82 -0.03
CA LYS A 33 -7.99 6.39 1.31
C LYS A 33 -6.58 6.95 1.44
N ILE A 34 -5.56 6.12 1.17
CA ILE A 34 -4.18 6.56 1.22
C ILE A 34 -3.86 7.42 0.00
N GLU A 35 -4.88 7.56 -0.83
CA GLU A 35 -4.83 8.35 -2.07
C GLU A 35 -4.10 9.68 -1.91
N ASN A 36 -4.82 10.67 -1.40
CA ASN A 36 -4.27 12.00 -1.19
C ASN A 36 -3.22 12.04 -0.07
N ASP A 37 -2.83 10.88 0.44
CA ASP A 37 -1.72 10.81 1.38
C ASP A 37 -0.41 10.76 0.60
N PRO A 38 0.55 11.63 0.94
CA PRO A 38 1.84 11.70 0.24
C PRO A 38 2.56 10.36 0.18
N ASP A 39 2.14 9.42 1.02
CA ASP A 39 2.74 8.11 1.09
C ASP A 39 2.35 7.24 -0.10
N PHE A 40 1.17 7.49 -0.67
CA PHE A 40 0.76 6.87 -1.93
C PHE A 40 1.78 7.23 -3.00
N TYR A 41 2.30 8.44 -2.91
CA TYR A 41 3.23 8.98 -3.87
C TYR A 41 4.67 8.58 -3.57
N LYS A 42 4.86 7.69 -2.60
CA LYS A 42 6.18 7.12 -2.36
C LYS A 42 6.64 6.38 -3.61
N ILE A 43 5.71 5.69 -4.24
CA ILE A 43 5.97 5.00 -5.49
C ILE A 43 5.31 5.75 -6.65
N ARG A 44 6.05 5.92 -7.73
CA ARG A 44 5.59 6.67 -8.89
C ARG A 44 4.44 5.94 -9.58
N ASP A 45 4.48 4.63 -9.56
CA ASP A 45 3.51 3.82 -10.29
C ASP A 45 2.44 3.27 -9.34
N ASP A 46 1.19 3.35 -9.76
CA ASP A 46 0.06 2.94 -8.93
C ASP A 46 -0.20 1.45 -9.03
N THR A 47 0.14 0.85 -10.18
CA THR A 47 -0.06 -0.58 -10.37
C THR A 47 1.04 -1.39 -9.67
N VAL A 48 1.92 -0.68 -8.98
CA VAL A 48 2.85 -1.30 -8.06
C VAL A 48 2.32 -1.17 -6.63
N ARG A 49 1.61 -0.07 -6.39
CA ARG A 49 1.04 0.25 -5.07
C ARG A 49 0.11 -0.83 -4.59
N GLU A 50 -0.80 -1.27 -5.41
CA GLU A 50 -1.72 -2.28 -4.95
C GLU A 50 -1.13 -3.65 -5.00
N SER A 51 -0.14 -3.85 -5.84
CA SER A 51 0.65 -5.05 -5.75
C SER A 51 1.33 -5.14 -4.38
N LEU A 52 1.31 -4.04 -3.62
CA LEU A 52 2.08 -3.95 -2.39
C LEU A 52 1.45 -4.60 -1.25
N PHE A 53 0.32 -4.18 -1.19
CA PHE A 53 -0.68 -4.56 -0.36
C PHE A 53 -0.83 -6.07 -0.30
N GLU A 54 -0.80 -6.71 -1.47
CA GLU A 54 -0.96 -8.16 -1.57
C GLU A 54 0.16 -8.87 -0.84
N GLU A 55 1.38 -8.44 -1.14
CA GLU A 55 2.57 -9.06 -0.56
C GLU A 55 2.61 -8.85 0.95
N TRP A 56 2.40 -7.61 1.37
CA TRP A 56 2.39 -7.27 2.81
C TRP A 56 1.24 -7.99 3.54
N CYS A 57 0.19 -8.25 2.79
CA CYS A 57 -1.04 -8.87 3.30
C CYS A 57 -0.80 -10.35 3.65
N GLY A 58 -0.22 -11.07 2.69
CA GLY A 58 0.12 -12.46 2.92
C GLY A 58 1.56 -12.56 3.34
N GLU A 59 1.97 -11.58 4.11
CA GLU A 59 3.34 -11.41 4.51
C GLU A 59 3.53 -12.01 5.90
N ASP A 5 10.45 -3.14 -8.31
CA ASP A 5 11.08 -4.44 -8.40
C ASP A 5 11.54 -4.87 -7.02
N ILE A 6 10.55 -5.14 -6.19
CA ILE A 6 10.72 -5.50 -4.78
C ILE A 6 11.82 -4.73 -4.06
N ASP A 7 11.40 -3.64 -3.45
CA ASP A 7 12.27 -2.79 -2.63
C ASP A 7 11.55 -1.70 -1.97
N GLU A 8 10.85 -1.22 -2.82
CA GLU A 8 9.94 -0.09 -2.65
C GLU A 8 8.63 -0.58 -2.02
N ARG A 9 8.31 -1.83 -2.28
CA ARG A 9 7.08 -2.44 -1.80
C ARG A 9 6.95 -2.34 -0.29
N ASN A 10 7.99 -2.75 0.41
CA ASN A 10 7.97 -2.82 1.88
C ASN A 10 7.80 -1.45 2.51
N ILE A 11 7.91 -0.42 1.70
CA ILE A 11 7.60 0.92 2.16
C ILE A 11 6.09 1.04 2.37
N PHE A 12 5.30 0.57 1.40
CA PHE A 12 3.85 0.80 1.45
C PHE A 12 3.17 -0.01 2.55
N PHE A 13 3.39 -1.33 2.62
CA PHE A 13 3.07 -2.22 3.80
C PHE A 13 3.39 -1.51 5.11
N GLU A 14 4.54 -0.87 5.17
CA GLU A 14 4.99 -0.19 6.37
C GLU A 14 4.05 0.99 6.62
N LEU A 15 3.81 1.74 5.56
CA LEU A 15 2.79 2.79 5.58
C LEU A 15 1.43 2.15 5.81
N PHE A 16 1.29 0.92 5.31
CA PHE A 16 0.06 0.27 5.24
C PHE A 16 -0.32 -0.22 6.63
N ASP A 17 0.70 -0.56 7.40
CA ASP A 17 0.54 -0.89 8.81
C ASP A 17 0.44 0.36 9.65
N ARG A 18 1.32 1.32 9.35
CA ARG A 18 1.37 2.59 10.07
C ARG A 18 0.02 3.30 10.04
N TYR A 19 -0.73 3.05 8.99
CA TYR A 19 -2.03 3.69 8.82
C TYR A 19 -3.14 2.67 9.03
N LYS A 20 -2.73 1.43 9.33
CA LYS A 20 -3.65 0.33 9.55
C LYS A 20 -4.61 0.14 8.38
N LEU A 21 -4.21 -0.69 7.44
CA LEU A 21 -5.11 -1.09 6.39
C LEU A 21 -5.66 -2.47 6.69
N ASP A 22 -6.33 -3.01 5.73
CA ASP A 22 -6.70 -4.42 5.69
C ASP A 22 -6.32 -4.98 4.34
N LYS A 23 -5.16 -5.58 4.34
CA LYS A 23 -4.41 -5.91 3.12
C LYS A 23 -5.12 -6.99 2.28
N PHE A 24 -6.22 -7.53 2.81
CA PHE A 24 -6.90 -8.67 2.19
C PHE A 24 -8.41 -8.47 2.10
N SER A 25 -8.89 -7.27 2.41
CA SER A 25 -10.32 -6.99 2.35
C SER A 25 -10.64 -6.32 1.02
N THR A 26 -10.24 -5.08 0.90
CA THR A 26 -10.25 -4.36 -0.35
C THR A 26 -8.90 -3.88 -0.57
N TRP A 27 -8.68 -3.48 -1.75
CA TRP A 27 -7.47 -2.75 -1.99
C TRP A 27 -7.64 -1.33 -1.55
N SER A 28 -8.69 -0.72 -2.03
CA SER A 28 -8.86 0.65 -1.73
C SER A 28 -9.47 1.06 -0.42
N LEU A 29 -10.28 0.28 0.25
CA LEU A 29 -10.76 0.78 1.53
C LEU A 29 -9.53 1.21 2.32
N GLN A 30 -8.46 0.49 2.00
CA GLN A 30 -7.14 0.72 2.53
C GLN A 30 -6.43 1.88 1.77
N SER A 31 -6.42 1.80 0.43
CA SER A 31 -5.78 2.83 -0.42
C SER A 31 -6.56 4.14 -0.60
N LYS A 32 -7.90 4.08 -0.55
CA LYS A 32 -8.75 5.29 -0.48
C LYS A 32 -8.38 6.08 0.74
N LYS A 33 -7.56 5.45 1.55
CA LYS A 33 -7.09 6.07 2.78
C LYS A 33 -5.80 6.76 2.50
N ILE A 34 -4.84 5.97 2.04
CA ILE A 34 -3.47 6.40 1.92
C ILE A 34 -3.26 7.34 0.71
N GLU A 35 -4.27 7.45 -0.15
CA GLU A 35 -4.21 8.36 -1.29
C GLU A 35 -4.17 9.82 -0.87
N ASN A 36 -4.80 10.14 0.25
CA ASN A 36 -4.82 11.51 0.74
C ASN A 36 -3.62 11.78 1.60
N ASP A 37 -2.67 10.87 1.52
CA ASP A 37 -1.41 11.00 2.21
C ASP A 37 -0.30 11.01 1.18
N PRO A 38 0.83 11.64 1.49
CA PRO A 38 2.00 11.63 0.61
C PRO A 38 2.56 10.22 0.43
N ASP A 39 2.00 9.30 1.19
CA ASP A 39 2.47 7.93 1.23
C ASP A 39 1.99 7.10 0.04
N PHE A 40 0.80 7.42 -0.50
CA PHE A 40 0.39 6.80 -1.78
C PHE A 40 1.29 7.31 -2.88
N TYR A 41 1.71 8.56 -2.73
CA TYR A 41 2.51 9.25 -3.73
C TYR A 41 3.99 8.86 -3.63
N LYS A 42 4.32 7.90 -2.78
CA LYS A 42 5.68 7.37 -2.69
C LYS A 42 6.03 6.70 -4.02
N ILE A 43 5.07 5.98 -4.56
CA ILE A 43 5.21 5.38 -5.87
C ILE A 43 4.31 6.12 -6.85
N ARG A 44 4.91 6.64 -7.91
CA ARG A 44 4.20 7.47 -8.88
C ARG A 44 3.10 6.71 -9.61
N ASP A 45 3.28 5.41 -9.76
CA ASP A 45 2.28 4.58 -10.44
C ASP A 45 1.44 3.80 -9.45
N ASP A 46 0.15 3.74 -9.71
CA ASP A 46 -0.79 3.07 -8.83
C ASP A 46 -0.82 1.56 -9.11
N THR A 47 -0.34 1.18 -10.28
CA THR A 47 -0.39 -0.21 -10.72
C THR A 47 0.49 -1.12 -9.85
N VAL A 48 1.46 -0.52 -9.17
CA VAL A 48 2.31 -1.26 -8.27
C VAL A 48 1.80 -1.15 -6.84
N ARG A 49 1.17 -0.01 -6.52
CA ARG A 49 0.70 0.27 -5.15
C ARG A 49 -0.17 -0.84 -4.61
N GLU A 50 -1.12 -1.29 -5.38
CA GLU A 50 -2.00 -2.30 -4.86
C GLU A 50 -1.40 -3.68 -4.93
N SER A 51 -0.54 -3.92 -5.87
CA SER A 51 0.25 -5.15 -5.88
C SER A 51 1.12 -5.24 -4.62
N LEU A 52 1.18 -4.13 -3.89
CA LEU A 52 2.03 -4.01 -2.73
C LEU A 52 1.55 -4.74 -1.56
N PHE A 53 0.41 -4.44 -1.41
CA PHE A 53 -0.34 -4.60 -0.28
C PHE A 53 -0.78 -6.04 -0.14
N GLU A 54 -0.92 -6.65 -1.28
CA GLU A 54 -1.13 -8.10 -1.39
C GLU A 54 0.07 -8.84 -0.82
N GLU A 55 1.26 -8.34 -1.15
CA GLU A 55 2.50 -8.92 -0.64
C GLU A 55 2.62 -8.76 0.86
N TRP A 56 2.43 -7.54 1.34
CA TRP A 56 2.53 -7.25 2.77
C TRP A 56 1.36 -7.86 3.55
N CYS A 57 0.35 -8.23 2.80
CA CYS A 57 -0.83 -8.89 3.34
C CYS A 57 -0.45 -10.24 3.92
N GLY A 58 0.28 -11.02 3.12
CA GLY A 58 0.76 -12.31 3.56
C GLY A 58 2.21 -12.23 3.94
N GLU A 59 2.59 -11.05 4.39
CA GLU A 59 3.95 -10.73 4.70
C GLU A 59 4.20 -10.93 6.19
N ASP A 5 13.18 -1.87 -7.62
CA ASP A 5 13.43 -3.31 -7.73
C ASP A 5 13.18 -3.96 -6.37
N ILE A 6 11.90 -4.23 -6.10
CA ILE A 6 11.43 -4.77 -4.82
C ILE A 6 12.20 -4.23 -3.62
N ASP A 7 11.70 -3.14 -3.10
CA ASP A 7 12.33 -2.42 -1.99
C ASP A 7 11.37 -1.52 -1.35
N GLU A 8 10.95 -0.85 -2.26
CA GLU A 8 9.95 0.21 -2.18
C GLU A 8 8.59 -0.37 -1.83
N ARG A 9 8.40 -1.64 -2.14
CA ARG A 9 7.17 -2.35 -1.79
C ARG A 9 6.94 -2.33 -0.29
N ASN A 10 7.97 -2.68 0.48
CA ASN A 10 7.86 -2.76 1.95
C ASN A 10 7.61 -1.40 2.53
N ILE A 11 7.84 -0.38 1.74
CA ILE A 11 7.47 0.96 2.13
C ILE A 11 5.95 1.05 2.28
N PHE A 12 5.18 0.51 1.33
CA PHE A 12 3.74 0.70 1.38
C PHE A 12 3.09 -0.13 2.47
N PHE A 13 3.34 -1.45 2.56
CA PHE A 13 3.09 -2.30 3.77
C PHE A 13 3.45 -1.54 5.05
N GLU A 14 4.59 -0.84 5.02
CA GLU A 14 5.06 -0.09 6.19
C GLU A 14 4.09 1.05 6.45
N LEU A 15 3.79 1.80 5.41
CA LEU A 15 2.73 2.79 5.44
C LEU A 15 1.44 2.10 5.79
N PHE A 16 1.31 0.86 5.34
CA PHE A 16 0.10 0.19 5.38
C PHE A 16 -0.10 -0.34 6.81
N ASP A 17 1.00 -0.55 7.50
CA ASP A 17 0.97 -0.83 8.93
C ASP A 17 0.82 0.45 9.71
N ARG A 18 1.59 1.44 9.31
CA ARG A 18 1.59 2.77 9.92
C ARG A 18 0.18 3.34 9.96
N TYR A 19 -0.63 2.97 8.98
CA TYR A 19 -2.00 3.45 8.90
C TYR A 19 -2.97 2.36 9.34
N LYS A 20 -2.42 1.17 9.59
CA LYS A 20 -3.22 -0.02 9.93
C LYS A 20 -4.29 -0.26 8.90
N LEU A 21 -3.90 -0.81 7.78
CA LEU A 21 -4.83 -1.09 6.71
C LEU A 21 -5.52 -2.40 6.94
N ASP A 22 -6.56 -2.59 6.19
CA ASP A 22 -7.20 -3.88 6.10
C ASP A 22 -6.66 -4.54 4.87
N LYS A 23 -5.54 -5.17 5.09
CA LYS A 23 -4.71 -5.65 4.02
C LYS A 23 -5.42 -6.71 3.17
N PHE A 24 -6.31 -7.48 3.80
CA PHE A 24 -6.98 -8.57 3.11
C PHE A 24 -8.42 -8.23 2.72
N SER A 25 -8.83 -6.98 2.92
CA SER A 25 -10.21 -6.60 2.63
C SER A 25 -10.34 -6.12 1.18
N THR A 26 -9.99 -4.87 0.92
CA THR A 26 -10.05 -4.31 -0.43
C THR A 26 -8.83 -3.52 -0.67
N TRP A 27 -8.50 -3.44 -1.92
CA TRP A 27 -7.38 -2.64 -2.29
C TRP A 27 -7.68 -1.21 -2.03
N SER A 28 -8.81 -0.76 -2.53
CA SER A 28 -9.08 0.62 -2.39
C SER A 28 -9.64 1.08 -1.09
N LEU A 29 -10.27 0.26 -0.28
CA LEU A 29 -10.65 0.77 1.02
C LEU A 29 -9.37 1.34 1.64
N GLN A 30 -8.28 0.72 1.20
CA GLN A 30 -6.95 1.16 1.55
C GLN A 30 -6.47 2.32 0.66
N SER A 31 -6.59 2.15 -0.66
CA SER A 31 -6.11 3.14 -1.65
C SER A 31 -7.02 4.33 -1.88
N LYS A 32 -8.32 4.14 -1.72
CA LYS A 32 -9.27 5.26 -1.73
C LYS A 32 -9.02 6.08 -0.48
N LYS A 33 -8.19 5.49 0.37
CA LYS A 33 -7.85 6.10 1.65
C LYS A 33 -6.44 6.69 1.62
N ILE A 34 -5.45 5.88 1.27
CA ILE A 34 -4.08 6.34 1.19
C ILE A 34 -3.88 7.18 -0.08
N GLU A 35 -4.94 7.26 -0.87
CA GLU A 35 -5.01 8.02 -2.11
C GLU A 35 -4.27 9.36 -2.05
N ASN A 36 -4.89 10.34 -1.41
CA ASN A 36 -4.32 11.69 -1.32
C ASN A 36 -3.26 11.79 -0.23
N ASP A 37 -2.76 10.65 0.24
CA ASP A 37 -1.64 10.63 1.17
C ASP A 37 -0.34 10.70 0.39
N PRO A 38 0.65 11.45 0.89
CA PRO A 38 1.93 11.66 0.21
C PRO A 38 2.69 10.35 0.00
N ASP A 39 2.34 9.35 0.79
CA ASP A 39 3.01 8.06 0.76
C ASP A 39 2.51 7.18 -0.39
N PHE A 40 1.26 7.36 -0.83
CA PHE A 40 0.76 6.70 -2.05
C PHE A 40 1.64 7.12 -3.23
N TYR A 41 2.16 8.35 -3.13
CA TYR A 41 3.00 8.93 -4.18
C TYR A 41 4.46 8.51 -4.06
N LYS A 42 4.76 7.63 -3.10
CA LYS A 42 6.10 7.07 -2.98
C LYS A 42 6.44 6.29 -4.23
N ILE A 43 5.41 5.71 -4.83
CA ILE A 43 5.54 5.05 -6.12
C ILE A 43 4.73 5.82 -7.15
N ARG A 44 5.38 6.16 -8.27
CA ARG A 44 4.77 7.01 -9.29
C ARG A 44 3.60 6.32 -9.97
N ASP A 45 3.67 5.01 -10.08
CA ASP A 45 2.61 4.23 -10.70
C ASP A 45 1.62 3.75 -9.66
N ASP A 46 0.42 3.52 -10.13
CA ASP A 46 -0.67 2.98 -9.32
C ASP A 46 -1.05 1.61 -9.87
N THR A 47 -0.03 0.87 -10.31
CA THR A 47 -0.22 -0.50 -10.79
C THR A 47 0.67 -1.45 -10.00
N VAL A 48 1.64 -0.87 -9.31
CA VAL A 48 2.50 -1.61 -8.40
C VAL A 48 2.01 -1.43 -6.96
N ARG A 49 1.32 -0.30 -6.72
CA ARG A 49 0.82 0.05 -5.38
C ARG A 49 -0.09 -1.02 -4.83
N GLU A 50 -1.05 -1.43 -5.60
CA GLU A 50 -1.95 -2.47 -5.17
C GLU A 50 -1.38 -3.86 -5.34
N SER A 51 -0.30 -3.95 -6.02
CA SER A 51 0.50 -5.16 -5.95
C SER A 51 1.25 -5.24 -4.61
N LEU A 52 1.20 -4.14 -3.86
CA LEU A 52 1.96 -3.99 -2.63
C LEU A 52 1.40 -4.73 -1.50
N PHE A 53 0.23 -4.48 -1.43
CA PHE A 53 -0.59 -4.73 -0.36
C PHE A 53 -0.92 -6.20 -0.31
N GLU A 54 -1.02 -6.78 -1.49
CA GLU A 54 -1.17 -8.22 -1.63
C GLU A 54 -0.01 -8.93 -0.92
N GLU A 55 1.20 -8.44 -1.17
CA GLU A 55 2.39 -9.06 -0.63
C GLU A 55 2.49 -8.87 0.88
N TRP A 56 2.33 -7.62 1.35
CA TRP A 56 2.43 -7.31 2.77
C TRP A 56 1.28 -7.96 3.58
N CYS A 57 0.22 -8.26 2.86
CA CYS A 57 -0.97 -8.88 3.43
C CYS A 57 -0.65 -10.28 3.93
N GLY A 58 -0.02 -11.07 3.07
CA GLY A 58 0.40 -12.40 3.45
C GLY A 58 1.90 -12.43 3.64
N GLU A 59 2.41 -11.31 4.13
CA GLU A 59 3.84 -11.08 4.23
C GLU A 59 4.35 -11.68 5.54
N ASP A 5 9.92 -0.80 -7.18
CA ASP A 5 10.92 -1.83 -7.08
C ASP A 5 10.81 -2.53 -5.75
N ILE A 6 11.48 -3.65 -5.64
CA ILE A 6 11.52 -4.41 -4.42
C ILE A 6 12.38 -3.70 -3.39
N ASP A 7 11.74 -2.75 -2.83
CA ASP A 7 12.31 -1.86 -1.83
C ASP A 7 11.24 -1.05 -1.23
N GLU A 8 10.70 -0.56 -2.19
CA GLU A 8 9.56 0.36 -2.17
C GLU A 8 8.30 -0.36 -1.77
N ARG A 9 8.22 -1.61 -2.15
CA ARG A 9 7.07 -2.42 -1.82
C ARG A 9 6.87 -2.44 -0.30
N ASN A 10 7.93 -2.74 0.44
CA ASN A 10 7.86 -2.84 1.90
C ASN A 10 7.63 -1.47 2.49
N ILE A 11 7.91 -0.45 1.71
CA ILE A 11 7.57 0.89 2.12
C ILE A 11 6.07 1.01 2.28
N PHE A 12 5.29 0.56 1.30
CA PHE A 12 3.85 0.78 1.36
C PHE A 12 3.18 -0.06 2.46
N PHE A 13 3.41 -1.40 2.52
CA PHE A 13 3.10 -2.27 3.72
C PHE A 13 3.46 -1.55 5.01
N GLU A 14 4.63 -0.91 5.04
CA GLU A 14 5.10 -0.19 6.24
C GLU A 14 4.16 0.96 6.52
N LEU A 15 3.91 1.71 5.49
CA LEU A 15 2.92 2.78 5.52
C LEU A 15 1.56 2.18 5.79
N PHE A 16 1.39 0.95 5.29
CA PHE A 16 0.14 0.32 5.26
C PHE A 16 -0.11 -0.24 6.69
N ASP A 17 0.98 -0.49 7.40
CA ASP A 17 0.93 -0.86 8.81
C ASP A 17 0.75 0.35 9.69
N ARG A 18 1.50 1.38 9.37
CA ARG A 18 1.45 2.65 10.09
C ARG A 18 0.03 3.17 10.16
N TYR A 19 -0.77 2.89 9.14
CA TYR A 19 -2.14 3.36 9.12
C TYR A 19 -3.08 2.21 9.46
N LYS A 20 -2.46 1.04 9.63
CA LYS A 20 -3.16 -0.22 9.87
C LYS A 20 -4.27 -0.38 8.87
N LEU A 21 -3.89 -0.87 7.73
CA LEU A 21 -4.82 -1.07 6.67
C LEU A 21 -5.53 -2.37 6.82
N ASP A 22 -6.60 -2.48 6.10
CA ASP A 22 -7.26 -3.74 5.93
C ASP A 22 -6.72 -4.33 4.66
N LYS A 23 -5.62 -5.01 4.85
CA LYS A 23 -4.81 -5.49 3.75
C LYS A 23 -5.58 -6.46 2.85
N PHE A 24 -6.50 -7.22 3.43
CA PHE A 24 -7.22 -8.24 2.68
C PHE A 24 -8.70 -7.87 2.47
N SER A 25 -9.06 -6.63 2.75
CA SER A 25 -10.44 -6.18 2.56
C SER A 25 -10.67 -5.77 1.10
N THR A 26 -10.16 -4.61 0.74
CA THR A 26 -10.19 -4.13 -0.62
C THR A 26 -8.97 -3.33 -0.85
N TRP A 27 -8.61 -3.28 -2.07
CA TRP A 27 -7.44 -2.53 -2.42
C TRP A 27 -7.70 -1.08 -2.20
N SER A 28 -8.79 -0.61 -2.76
CA SER A 28 -9.05 0.78 -2.67
C SER A 28 -9.65 1.28 -1.41
N LEU A 29 -10.35 0.45 -0.64
CA LEU A 29 -10.81 0.89 0.66
C LEU A 29 -9.60 1.52 1.31
N GLN A 30 -8.47 0.92 0.99
CA GLN A 30 -7.18 1.41 1.42
C GLN A 30 -6.70 2.54 0.52
N SER A 31 -6.72 2.29 -0.79
CA SER A 31 -6.11 3.19 -1.79
C SER A 31 -6.89 4.43 -2.18
N LYS A 32 -8.21 4.36 -2.18
CA LYS A 32 -9.01 5.57 -2.36
C LYS A 32 -8.76 6.45 -1.14
N LYS A 33 -8.09 5.84 -0.18
CA LYS A 33 -7.82 6.48 1.11
C LYS A 33 -6.35 6.90 1.22
N ILE A 34 -5.41 5.98 0.91
CA ILE A 34 -3.98 6.25 1.09
C ILE A 34 -3.48 7.28 0.06
N GLU A 35 -4.30 7.57 -0.94
CA GLU A 35 -4.02 8.66 -1.89
C GLU A 35 -3.96 10.01 -1.20
N ASN A 36 -4.62 10.13 -0.07
CA ASN A 36 -4.62 11.37 0.69
C ASN A 36 -3.34 11.48 1.51
N ASP A 37 -2.68 10.35 1.66
CA ASP A 37 -1.45 10.27 2.42
C ASP A 37 -0.25 10.40 1.51
N PRO A 38 0.94 10.67 2.07
CA PRO A 38 2.19 10.57 1.34
C PRO A 38 2.47 9.11 0.95
N ASP A 39 1.62 8.22 1.45
CA ASP A 39 1.74 6.77 1.23
C ASP A 39 1.61 6.46 -0.26
N PHE A 40 0.57 6.98 -0.88
CA PHE A 40 0.32 6.71 -2.31
C PHE A 40 1.39 7.37 -3.17
N TYR A 41 1.86 8.52 -2.72
CA TYR A 41 2.74 9.36 -3.52
C TYR A 41 4.20 8.90 -3.45
N LYS A 42 4.46 7.79 -2.78
CA LYS A 42 5.81 7.23 -2.74
C LYS A 42 6.17 6.59 -4.07
N ILE A 43 5.17 6.00 -4.72
CA ILE A 43 5.36 5.41 -6.03
C ILE A 43 4.34 6.00 -7.01
N ARG A 44 4.80 6.55 -8.11
CA ARG A 44 3.92 7.16 -9.11
C ARG A 44 3.09 6.09 -9.83
N ASP A 45 3.66 4.91 -10.00
CA ASP A 45 2.98 3.83 -10.69
C ASP A 45 1.99 3.12 -9.77
N ASP A 46 0.71 3.40 -9.99
CA ASP A 46 -0.37 2.84 -9.21
C ASP A 46 -0.47 1.34 -9.43
N THR A 47 -0.06 0.89 -10.62
CA THR A 47 -0.10 -0.52 -10.99
C THR A 47 0.87 -1.35 -10.15
N VAL A 48 1.67 -0.67 -9.33
CA VAL A 48 2.57 -1.35 -8.42
C VAL A 48 2.02 -1.27 -7.00
N ARG A 49 1.37 -0.14 -6.71
CA ARG A 49 0.85 0.16 -5.37
C ARG A 49 -0.04 -0.95 -4.84
N GLU A 50 -0.98 -1.39 -5.64
CA GLU A 50 -1.86 -2.43 -5.16
C GLU A 50 -1.25 -3.80 -5.23
N SER A 51 -0.30 -4.00 -6.09
CA SER A 51 0.49 -5.23 -6.03
C SER A 51 1.26 -5.31 -4.71
N LEU A 52 1.25 -4.22 -3.97
CA LEU A 52 2.04 -4.07 -2.74
C LEU A 52 1.47 -4.78 -1.60
N PHE A 53 0.32 -4.48 -1.51
CA PHE A 53 -0.51 -4.68 -0.46
C PHE A 53 -0.85 -6.14 -0.34
N GLU A 54 -0.91 -6.77 -1.49
CA GLU A 54 -1.09 -8.22 -1.59
C GLU A 54 0.03 -8.93 -0.83
N GLU A 55 1.26 -8.49 -1.09
CA GLU A 55 2.43 -9.12 -0.48
C GLU A 55 2.46 -8.88 1.02
N TRP A 56 2.31 -7.61 1.43
CA TRP A 56 2.38 -7.24 2.85
C TRP A 56 1.21 -7.86 3.63
N CYS A 57 0.18 -8.18 2.89
CA CYS A 57 -1.05 -8.78 3.43
C CYS A 57 -0.73 -10.14 4.03
N GLY A 58 -0.04 -10.96 3.25
CA GLY A 58 0.41 -12.24 3.74
C GLY A 58 1.91 -12.23 3.92
N GLU A 59 2.38 -11.12 4.46
CA GLU A 59 3.80 -10.86 4.58
C GLU A 59 4.27 -11.19 5.99
N ASP A 5 13.37 -1.40 -6.97
CA ASP A 5 13.85 -2.75 -7.22
C ASP A 5 13.64 -3.59 -5.98
N ILE A 6 12.38 -3.98 -5.76
CA ILE A 6 11.94 -4.73 -4.58
C ILE A 6 12.54 -4.17 -3.29
N ASP A 7 11.79 -3.25 -2.70
CA ASP A 7 12.21 -2.50 -1.48
C ASP A 7 11.39 -1.31 -1.18
N GLU A 8 10.88 -0.94 -2.20
CA GLU A 8 9.90 0.13 -2.34
C GLU A 8 8.54 -0.41 -1.90
N ARG A 9 8.39 -1.71 -2.08
CA ARG A 9 7.21 -2.45 -1.70
C ARG A 9 6.99 -2.37 -0.19
N ASN A 10 8.03 -2.67 0.56
CA ASN A 10 7.95 -2.74 2.03
C ASN A 10 7.76 -1.36 2.60
N ILE A 11 7.92 -0.36 1.74
CA ILE A 11 7.55 0.98 2.11
C ILE A 11 6.04 1.06 2.29
N PHE A 12 5.26 0.56 1.32
CA PHE A 12 3.82 0.77 1.36
C PHE A 12 3.14 -0.06 2.44
N PHE A 13 3.38 -1.38 2.51
CA PHE A 13 3.08 -2.25 3.70
C PHE A 13 3.42 -1.52 5.00
N GLU A 14 4.57 -0.85 5.03
CA GLU A 14 5.01 -0.15 6.24
C GLU A 14 4.09 1.03 6.49
N LEU A 15 3.81 1.78 5.42
CA LEU A 15 2.80 2.82 5.46
C LEU A 15 1.47 2.18 5.75
N PHE A 16 1.32 0.94 5.27
CA PHE A 16 0.09 0.29 5.27
C PHE A 16 -0.15 -0.26 6.70
N ASP A 17 0.95 -0.50 7.39
CA ASP A 17 0.92 -0.90 8.79
C ASP A 17 0.71 0.30 9.68
N ARG A 18 1.52 1.31 9.42
CA ARG A 18 1.47 2.56 10.17
C ARG A 18 0.08 3.19 10.09
N TYR A 19 -0.65 2.88 9.04
CA TYR A 19 -2.00 3.38 8.87
C TYR A 19 -3.00 2.31 9.26
N LYS A 20 -2.48 1.11 9.55
CA LYS A 20 -3.29 -0.05 9.90
C LYS A 20 -4.34 -0.33 8.85
N LEU A 21 -3.90 -0.78 7.69
CA LEU A 21 -4.81 -1.06 6.61
C LEU A 21 -5.46 -2.39 6.81
N ASP A 22 -6.50 -2.58 6.06
CA ASP A 22 -7.12 -3.87 5.95
C ASP A 22 -6.60 -4.49 4.70
N LYS A 23 -5.52 -5.19 4.90
CA LYS A 23 -4.71 -5.67 3.80
C LYS A 23 -5.47 -6.69 2.94
N PHE A 24 -6.34 -7.46 3.57
CA PHE A 24 -7.08 -8.51 2.85
C PHE A 24 -8.56 -8.14 2.67
N SER A 25 -8.87 -6.86 2.83
CA SER A 25 -10.24 -6.39 2.71
C SER A 25 -10.52 -5.84 1.30
N THR A 26 -10.09 -4.62 1.06
CA THR A 26 -10.17 -4.00 -0.25
C THR A 26 -8.85 -3.45 -0.59
N TRP A 27 -8.70 -3.22 -1.84
CA TRP A 27 -7.58 -2.44 -2.26
C TRP A 27 -7.85 -0.99 -1.97
N SER A 28 -8.98 -0.52 -2.43
CA SER A 28 -9.18 0.88 -2.38
C SER A 28 -9.66 1.52 -1.11
N LEU A 29 -10.51 0.89 -0.32
CA LEU A 29 -10.86 1.51 0.95
C LEU A 29 -9.56 1.86 1.65
N GLN A 30 -8.55 1.09 1.27
CA GLN A 30 -7.18 1.29 1.63
C GLN A 30 -6.50 2.35 0.72
N SER A 31 -6.64 2.18 -0.61
CA SER A 31 -6.05 3.12 -1.60
C SER A 31 -6.74 4.45 -1.78
N LYS A 32 -8.04 4.48 -1.97
CA LYS A 32 -8.77 5.75 -1.97
C LYS A 32 -8.62 6.37 -0.59
N LYS A 33 -8.07 5.57 0.30
CA LYS A 33 -7.74 6.04 1.64
C LYS A 33 -6.38 6.72 1.61
N ILE A 34 -5.39 6.00 1.10
CA ILE A 34 -4.01 6.45 1.16
C ILE A 34 -3.64 7.40 0.00
N GLU A 35 -4.51 7.50 -1.01
CA GLU A 35 -4.27 8.44 -2.12
C GLU A 35 -4.22 9.89 -1.65
N ASN A 36 -4.89 10.19 -0.56
CA ASN A 36 -4.91 11.55 -0.04
C ASN A 36 -3.76 11.73 0.94
N ASP A 37 -2.83 10.79 0.93
CA ASP A 37 -1.67 10.82 1.78
C ASP A 37 -0.40 10.87 0.95
N PRO A 38 0.70 11.35 1.53
CA PRO A 38 2.00 11.39 0.83
C PRO A 38 2.60 10.00 0.68
N ASP A 39 1.91 8.99 1.20
CA ASP A 39 2.38 7.62 1.17
C ASP A 39 2.11 6.98 -0.20
N PHE A 40 0.89 7.12 -0.71
CA PHE A 40 0.55 6.64 -2.07
C PHE A 40 1.49 7.26 -3.10
N TYR A 41 1.89 8.51 -2.83
CA TYR A 41 2.71 9.28 -3.75
C TYR A 41 4.17 8.81 -3.76
N LYS A 42 4.49 7.81 -2.94
CA LYS A 42 5.85 7.27 -2.90
C LYS A 42 6.18 6.51 -4.19
N ILE A 43 5.14 6.03 -4.85
CA ILE A 43 5.29 5.40 -6.15
C ILE A 43 4.40 6.11 -7.17
N ARG A 44 4.97 6.47 -8.31
CA ARG A 44 4.22 7.19 -9.34
C ARG A 44 3.06 6.35 -9.85
N ASP A 45 3.41 5.18 -10.33
CA ASP A 45 2.45 4.24 -10.89
C ASP A 45 1.64 3.56 -9.80
N ASP A 46 0.36 3.41 -10.06
CA ASP A 46 -0.58 2.80 -9.12
C ASP A 46 -0.67 1.30 -9.35
N THR A 47 -0.20 0.88 -10.53
CA THR A 47 -0.28 -0.52 -10.94
C THR A 47 0.56 -1.44 -10.04
N VAL A 48 1.52 -0.85 -9.35
CA VAL A 48 2.35 -1.62 -8.43
C VAL A 48 1.88 -1.42 -6.99
N ARG A 49 1.15 -0.33 -6.75
CA ARG A 49 0.70 0.01 -5.40
C ARG A 49 -0.21 -1.07 -4.84
N GLU A 50 -1.20 -1.47 -5.58
CA GLU A 50 -2.08 -2.51 -5.11
C GLU A 50 -1.50 -3.89 -5.28
N SER A 51 -0.47 -3.99 -6.05
CA SER A 51 0.35 -5.19 -6.02
C SER A 51 1.15 -5.25 -4.71
N LEU A 52 1.12 -4.16 -3.94
CA LEU A 52 1.92 -4.03 -2.73
C LEU A 52 1.38 -4.75 -1.58
N PHE A 53 0.22 -4.45 -1.49
CA PHE A 53 -0.62 -4.68 -0.43
C PHE A 53 -0.93 -6.16 -0.34
N GLU A 54 -1.02 -6.77 -1.50
CA GLU A 54 -1.17 -8.23 -1.61
C GLU A 54 -0.04 -8.91 -0.86
N GLU A 55 1.16 -8.46 -1.13
CA GLU A 55 2.36 -9.08 -0.58
C GLU A 55 2.49 -8.84 0.92
N TRP A 56 2.36 -7.58 1.35
CA TRP A 56 2.48 -7.22 2.77
C TRP A 56 1.40 -7.91 3.60
N CYS A 57 0.32 -8.21 2.91
CA CYS A 57 -0.87 -8.82 3.51
C CYS A 57 -0.50 -10.17 4.13
N GLY A 58 0.18 -10.99 3.35
CA GLY A 58 0.68 -12.25 3.85
C GLY A 58 2.18 -12.24 3.85
N GLU A 59 2.73 -11.09 4.22
CA GLU A 59 4.14 -10.83 4.11
C GLU A 59 4.88 -11.38 5.33
N ASP A 5 10.77 -3.43 -7.80
CA ASP A 5 11.60 -4.62 -7.78
C ASP A 5 12.13 -4.84 -6.37
N ILE A 6 11.19 -5.22 -5.50
CA ILE A 6 11.42 -5.45 -4.06
C ILE A 6 12.37 -4.43 -3.41
N ASP A 7 11.75 -3.41 -2.85
CA ASP A 7 12.44 -2.40 -2.04
C ASP A 7 11.50 -1.38 -1.54
N GLU A 8 10.88 -1.05 -2.51
CA GLU A 8 9.86 -0.01 -2.57
C GLU A 8 8.54 -0.53 -2.03
N ARG A 9 8.28 -1.80 -2.28
CA ARG A 9 7.07 -2.46 -1.83
C ARG A 9 6.93 -2.35 -0.32
N ASN A 10 7.99 -2.70 0.39
CA ASN A 10 7.97 -2.78 1.86
C ASN A 10 7.78 -1.42 2.46
N ILE A 11 7.98 -0.39 1.67
CA ILE A 11 7.63 0.94 2.10
C ILE A 11 6.14 1.03 2.34
N PHE A 12 5.34 0.59 1.36
CA PHE A 12 3.90 0.82 1.41
C PHE A 12 3.22 -0.01 2.50
N PHE A 13 3.44 -1.32 2.56
CA PHE A 13 3.10 -2.21 3.73
C PHE A 13 3.40 -1.52 5.05
N GLU A 14 4.59 -0.92 5.15
CA GLU A 14 4.99 -0.24 6.38
C GLU A 14 4.10 0.95 6.61
N LEU A 15 3.85 1.70 5.55
CA LEU A 15 2.86 2.76 5.57
C LEU A 15 1.49 2.15 5.78
N PHE A 16 1.32 0.93 5.27
CA PHE A 16 0.07 0.32 5.19
C PHE A 16 -0.32 -0.18 6.58
N ASP A 17 0.68 -0.58 7.34
CA ASP A 17 0.51 -1.00 8.74
C ASP A 17 0.44 0.21 9.65
N ARG A 18 1.26 1.21 9.33
CA ARG A 18 1.30 2.46 10.10
C ARG A 18 -0.05 3.18 10.01
N TYR A 19 -0.75 2.94 8.93
CA TYR A 19 -2.07 3.52 8.72
C TYR A 19 -3.11 2.42 8.90
N LYS A 20 -2.62 1.29 9.44
CA LYS A 20 -3.38 0.05 9.63
C LYS A 20 -4.50 -0.15 8.61
N LEU A 21 -4.13 -0.67 7.46
CA LEU A 21 -5.07 -0.97 6.42
C LEU A 21 -5.70 -2.32 6.66
N ASP A 22 -6.43 -2.76 5.69
CA ASP A 22 -6.87 -4.14 5.59
C ASP A 22 -6.44 -4.69 4.25
N LYS A 23 -5.28 -5.30 4.29
CA LYS A 23 -4.55 -5.74 3.08
C LYS A 23 -5.35 -6.80 2.32
N PHE A 24 -6.34 -7.37 3.03
CA PHE A 24 -7.17 -8.46 2.51
C PHE A 24 -8.49 -7.94 1.91
N SER A 25 -9.14 -7.04 2.65
CA SER A 25 -10.51 -6.61 2.37
C SER A 25 -10.63 -5.97 0.99
N THR A 26 -10.25 -4.71 0.89
CA THR A 26 -10.21 -4.00 -0.37
C THR A 26 -8.83 -3.59 -0.60
N TRP A 27 -8.61 -3.21 -1.79
CA TRP A 27 -7.37 -2.54 -2.07
C TRP A 27 -7.48 -1.10 -1.65
N SER A 28 -8.50 -0.44 -2.11
CA SER A 28 -8.58 0.95 -1.89
C SER A 28 -9.09 1.46 -0.58
N LEU A 29 -10.02 0.80 0.08
CA LEU A 29 -10.46 1.33 1.37
C LEU A 29 -9.21 1.61 2.17
N GLN A 30 -8.21 0.79 1.85
CA GLN A 30 -6.88 0.93 2.36
C GLN A 30 -6.10 1.99 1.55
N SER A 31 -6.12 1.88 0.21
CA SER A 31 -5.37 2.79 -0.67
C SER A 31 -5.99 4.15 -0.94
N LYS A 32 -7.27 4.21 -1.30
CA LYS A 32 -7.93 5.49 -1.57
C LYS A 32 -7.90 6.35 -0.32
N LYS A 33 -7.50 5.75 0.79
CA LYS A 33 -7.39 6.49 2.05
C LYS A 33 -5.96 6.92 2.28
N ILE A 34 -5.00 6.13 1.78
CA ILE A 34 -3.60 6.53 1.81
C ILE A 34 -3.28 7.40 0.61
N GLU A 35 -4.28 7.49 -0.26
CA GLU A 35 -4.22 8.25 -1.51
C GLU A 35 -3.61 9.65 -1.33
N ASN A 36 -4.43 10.56 -0.83
CA ASN A 36 -4.01 11.93 -0.51
C ASN A 36 -2.71 11.98 0.29
N ASP A 37 -2.41 10.93 1.04
CA ASP A 37 -1.18 10.87 1.82
C ASP A 37 0.02 10.77 0.89
N PRO A 38 1.12 11.48 1.19
CA PRO A 38 2.35 11.43 0.39
C PRO A 38 2.93 10.02 0.31
N ASP A 39 2.36 9.13 1.11
CA ASP A 39 2.81 7.75 1.19
C ASP A 39 2.35 6.94 -0.03
N PHE A 40 1.19 7.27 -0.57
CA PHE A 40 0.73 6.65 -1.83
C PHE A 40 1.66 7.08 -2.97
N TYR A 41 2.17 8.30 -2.84
CA TYR A 41 2.98 8.92 -3.89
C TYR A 41 4.46 8.59 -3.71
N LYS A 42 4.74 7.57 -2.91
CA LYS A 42 6.11 7.07 -2.77
C LYS A 42 6.50 6.33 -4.04
N ILE A 43 5.50 5.77 -4.70
CA ILE A 43 5.68 5.09 -5.98
C ILE A 43 4.89 5.81 -7.06
N ARG A 44 5.53 5.99 -8.22
CA ARG A 44 4.94 6.73 -9.32
C ARG A 44 3.65 6.09 -9.82
N ASP A 45 3.72 4.80 -10.11
CA ASP A 45 2.59 4.10 -10.70
C ASP A 45 1.66 3.54 -9.65
N ASP A 46 0.39 3.47 -10.03
CA ASP A 46 -0.67 2.98 -9.15
C ASP A 46 -1.12 1.58 -9.60
N THR A 47 -0.19 0.87 -10.24
CA THR A 47 -0.44 -0.51 -10.66
C THR A 47 0.48 -1.47 -9.90
N VAL A 48 1.50 -0.90 -9.30
CA VAL A 48 2.39 -1.62 -8.42
C VAL A 48 1.93 -1.44 -6.97
N ARG A 49 1.32 -0.29 -6.69
CA ARG A 49 0.87 0.07 -5.33
C ARG A 49 -0.03 -0.98 -4.73
N GLU A 50 -1.01 -1.44 -5.48
CA GLU A 50 -1.93 -2.40 -4.93
C GLU A 50 -1.37 -3.79 -4.96
N SER A 51 -0.47 -4.05 -5.87
CA SER A 51 0.28 -5.31 -5.82
C SER A 51 1.14 -5.36 -4.56
N LEU A 52 1.23 -4.23 -3.87
CA LEU A 52 2.07 -4.08 -2.69
C LEU A 52 1.56 -4.74 -1.50
N PHE A 53 0.42 -4.42 -1.37
CA PHE A 53 -0.34 -4.53 -0.24
C PHE A 53 -0.81 -5.96 -0.07
N GLU A 54 -0.98 -6.59 -1.21
CA GLU A 54 -1.23 -8.05 -1.28
C GLU A 54 -0.02 -8.79 -0.74
N GLU A 55 1.16 -8.30 -1.10
CA GLU A 55 2.40 -8.90 -0.66
C GLU A 55 2.60 -8.73 0.84
N TRP A 56 2.44 -7.50 1.32
CA TRP A 56 2.55 -7.20 2.74
C TRP A 56 1.39 -7.81 3.53
N CYS A 57 0.38 -8.16 2.79
CA CYS A 57 -0.83 -8.76 3.33
C CYS A 57 -0.48 -10.10 3.97
N GLY A 58 0.25 -10.92 3.21
CA GLY A 58 0.76 -12.17 3.73
C GLY A 58 2.25 -12.09 3.89
N GLU A 59 2.69 -10.95 4.39
CA GLU A 59 4.10 -10.63 4.48
C GLU A 59 4.64 -10.99 5.86
N ASP A 5 12.96 -2.22 -7.57
CA ASP A 5 13.38 -3.58 -7.89
C ASP A 5 13.04 -4.46 -6.70
N ILE A 6 11.74 -4.61 -6.48
CA ILE A 6 11.17 -5.21 -5.26
C ILE A 6 11.91 -4.76 -4.02
N ASP A 7 11.45 -3.66 -3.48
CA ASP A 7 12.13 -2.97 -2.38
C ASP A 7 11.35 -1.88 -1.78
N GLU A 8 10.82 -1.30 -2.68
CA GLU A 8 9.89 -0.19 -2.58
C GLU A 8 8.57 -0.68 -2.03
N ARG A 9 8.32 -1.97 -2.22
CA ARG A 9 7.09 -2.61 -1.81
C ARG A 9 6.90 -2.51 -0.30
N ASN A 10 7.92 -2.91 0.45
CA ASN A 10 7.84 -2.96 1.93
C ASN A 10 7.69 -1.57 2.51
N ILE A 11 7.87 -0.57 1.67
CA ILE A 11 7.57 0.79 2.07
C ILE A 11 6.07 0.92 2.29
N PHE A 12 5.26 0.40 1.36
CA PHE A 12 3.82 0.64 1.41
C PHE A 12 3.12 -0.16 2.49
N PHE A 13 3.31 -1.48 2.57
CA PHE A 13 2.99 -2.33 3.76
C PHE A 13 3.36 -1.60 5.05
N GLU A 14 4.54 -0.97 5.07
CA GLU A 14 5.01 -0.22 6.24
C GLU A 14 4.09 0.96 6.48
N LEU A 15 3.82 1.71 5.41
CA LEU A 15 2.83 2.76 5.44
C LEU A 15 1.48 2.15 5.75
N PHE A 16 1.30 0.92 5.28
CA PHE A 16 0.05 0.31 5.26
C PHE A 16 -0.28 -0.18 6.67
N ASP A 17 0.78 -0.45 7.44
CA ASP A 17 0.67 -0.78 8.86
C ASP A 17 0.50 0.48 9.68
N ARG A 18 1.29 1.49 9.35
CA ARG A 18 1.18 2.80 9.99
C ARG A 18 -0.24 3.36 9.83
N TYR A 19 -0.89 2.99 8.73
CA TYR A 19 -2.25 3.43 8.48
C TYR A 19 -3.23 2.32 8.82
N LYS A 20 -2.67 1.23 9.34
CA LYS A 20 -3.44 0.08 9.82
C LYS A 20 -4.46 -0.39 8.80
N LEU A 21 -4.00 -0.79 7.63
CA LEU A 21 -4.91 -1.23 6.60
C LEU A 21 -5.32 -2.64 6.83
N ASP A 22 -6.54 -2.85 6.45
CA ASP A 22 -7.08 -4.18 6.36
C ASP A 22 -6.53 -4.77 5.11
N LYS A 23 -5.42 -5.42 5.28
CA LYS A 23 -4.65 -5.91 4.16
C LYS A 23 -5.42 -7.01 3.41
N PHE A 24 -6.33 -7.68 4.12
CA PHE A 24 -7.06 -8.81 3.56
C PHE A 24 -8.45 -8.40 3.07
N SER A 25 -8.89 -7.21 3.44
CA SER A 25 -10.27 -6.78 3.15
C SER A 25 -10.41 -6.23 1.73
N THR A 26 -10.10 -4.96 1.56
CA THR A 26 -10.17 -4.31 0.26
C THR A 26 -8.87 -3.70 -0.04
N TRP A 27 -8.73 -3.40 -1.27
CA TRP A 27 -7.61 -2.57 -1.64
C TRP A 27 -7.91 -1.15 -1.31
N SER A 28 -9.05 -0.66 -1.77
CA SER A 28 -9.29 0.74 -1.64
C SER A 28 -9.81 1.25 -0.35
N LEU A 29 -10.64 0.53 0.38
CA LEU A 29 -11.11 1.08 1.66
C LEU A 29 -9.86 1.54 2.40
N GLN A 30 -8.78 0.84 2.07
CA GLN A 30 -7.46 1.15 2.51
C GLN A 30 -6.84 2.27 1.63
N SER A 31 -6.91 2.10 0.30
CA SER A 31 -6.28 3.05 -0.66
C SER A 31 -7.06 4.33 -0.99
N LYS A 32 -8.38 4.30 -1.04
CA LYS A 32 -9.15 5.54 -1.12
C LYS A 32 -8.97 6.29 0.18
N LYS A 33 -8.36 5.58 1.11
CA LYS A 33 -8.11 6.10 2.45
C LYS A 33 -6.70 6.68 2.53
N ILE A 34 -5.71 5.92 2.07
CA ILE A 34 -4.32 6.37 2.07
C ILE A 34 -4.05 7.26 0.85
N GLU A 35 -5.05 7.34 -0.01
CA GLU A 35 -4.96 8.04 -1.30
C GLU A 35 -4.27 9.41 -1.22
N ASN A 36 -5.03 10.37 -0.76
CA ASN A 36 -4.60 11.77 -0.68
C ASN A 36 -3.31 11.96 0.14
N ASP A 37 -2.92 10.95 0.90
CA ASP A 37 -1.73 11.02 1.74
C ASP A 37 -0.46 11.03 0.87
N PRO A 38 0.66 11.53 1.42
CA PRO A 38 1.94 11.57 0.71
C PRO A 38 2.57 10.19 0.55
N ASP A 39 2.01 9.20 1.22
CA ASP A 39 2.57 7.84 1.21
C ASP A 39 2.18 7.12 -0.07
N PHE A 40 0.91 7.26 -0.48
CA PHE A 40 0.42 6.71 -1.76
C PHE A 40 1.37 7.10 -2.90
N TYR A 41 1.85 8.33 -2.86
CA TYR A 41 2.65 8.88 -3.94
C TYR A 41 4.14 8.50 -3.82
N LYS A 42 4.44 7.48 -3.04
CA LYS A 42 5.82 7.01 -2.92
C LYS A 42 6.20 6.10 -4.08
N ILE A 43 5.23 5.38 -4.63
CA ILE A 43 5.51 4.49 -5.75
C ILE A 43 5.15 5.17 -7.06
N ARG A 44 6.01 5.01 -8.06
CA ARG A 44 5.83 5.64 -9.36
C ARG A 44 4.53 5.21 -10.04
N ASP A 45 4.00 4.06 -9.64
CA ASP A 45 2.77 3.53 -10.25
C ASP A 45 1.74 3.20 -9.19
N ASP A 46 0.50 3.60 -9.42
CA ASP A 46 -0.62 3.18 -8.57
C ASP A 46 -0.87 1.70 -8.80
N THR A 47 -0.49 1.24 -9.98
CA THR A 47 -0.62 -0.15 -10.37
C THR A 47 0.31 -1.06 -9.55
N VAL A 48 1.21 -0.44 -8.79
CA VAL A 48 2.11 -1.17 -7.92
C VAL A 48 1.68 -1.01 -6.46
N ARG A 49 0.95 0.08 -6.19
CA ARG A 49 0.47 0.38 -4.84
C ARG A 49 -0.39 -0.73 -4.32
N GLU A 50 -1.37 -1.15 -5.09
CA GLU A 50 -2.22 -2.21 -4.63
C GLU A 50 -1.59 -3.56 -4.82
N SER A 51 -0.65 -3.66 -5.71
CA SER A 51 0.22 -4.83 -5.74
C SER A 51 0.99 -4.94 -4.42
N LEU A 52 1.02 -3.86 -3.64
CA LEU A 52 1.87 -3.82 -2.47
C LEU A 52 1.31 -4.52 -1.31
N PHE A 53 0.20 -4.09 -1.15
CA PHE A 53 -0.76 -4.56 -0.29
C PHE A 53 -0.79 -6.08 -0.23
N GLU A 54 -0.73 -6.70 -1.42
CA GLU A 54 -0.77 -8.15 -1.54
C GLU A 54 0.42 -8.79 -0.85
N GLU A 55 1.60 -8.27 -1.17
CA GLU A 55 2.83 -8.79 -0.62
C GLU A 55 2.86 -8.66 0.89
N TRP A 56 2.55 -7.47 1.39
CA TRP A 56 2.54 -7.19 2.84
C TRP A 56 1.47 -8.02 3.55
N CYS A 57 0.44 -8.28 2.79
CA CYS A 57 -0.74 -9.01 3.25
C CYS A 57 -0.32 -10.41 3.71
N GLY A 58 0.45 -11.09 2.87
CA GLY A 58 0.99 -12.38 3.22
C GLY A 58 2.49 -12.28 3.41
N GLU A 59 2.90 -11.16 3.98
CA GLU A 59 4.30 -10.83 4.11
C GLU A 59 4.84 -11.38 5.43
N ASP A 5 12.83 -3.03 -6.90
CA ASP A 5 13.57 -4.21 -6.49
C ASP A 5 13.45 -4.39 -4.99
N ILE A 6 12.34 -5.02 -4.57
CA ILE A 6 11.96 -5.19 -3.15
C ILE A 6 12.58 -4.16 -2.21
N ASP A 7 11.85 -3.10 -2.02
CA ASP A 7 12.26 -2.02 -1.12
C ASP A 7 11.14 -1.10 -0.88
N GLU A 8 10.85 -0.70 -1.97
CA GLU A 8 9.81 0.25 -2.30
C GLU A 8 8.43 -0.30 -1.94
N ARG A 9 8.24 -1.58 -2.20
CA ARG A 9 6.98 -2.24 -1.91
C ARG A 9 6.77 -2.30 -0.40
N ASN A 10 7.80 -2.73 0.31
CA ASN A 10 7.75 -2.93 1.75
C ASN A 10 7.58 -1.60 2.44
N ILE A 11 7.87 -0.55 1.70
CA ILE A 11 7.54 0.79 2.15
C ILE A 11 6.04 0.94 2.31
N PHE A 12 5.24 0.44 1.37
CA PHE A 12 3.80 0.68 1.42
C PHE A 12 3.14 -0.13 2.53
N PHE A 13 3.35 -1.46 2.61
CA PHE A 13 3.06 -2.31 3.82
C PHE A 13 3.44 -1.56 5.10
N GLU A 14 4.60 -0.90 5.09
CA GLU A 14 5.08 -0.13 6.25
C GLU A 14 4.13 1.01 6.53
N LEU A 15 3.85 1.72 5.47
CA LEU A 15 2.83 2.75 5.49
C LEU A 15 1.49 2.12 5.80
N PHE A 16 1.33 0.88 5.34
CA PHE A 16 0.10 0.25 5.34
C PHE A 16 -0.14 -0.29 6.76
N ASP A 17 0.95 -0.51 7.48
CA ASP A 17 0.93 -0.82 8.90
C ASP A 17 0.75 0.45 9.70
N ARG A 18 1.53 1.44 9.29
CA ARG A 18 1.52 2.76 9.90
C ARG A 18 0.11 3.32 10.00
N TYR A 19 -0.71 2.99 9.02
CA TYR A 19 -2.05 3.54 8.95
C TYR A 19 -3.08 2.44 9.16
N LYS A 20 -2.57 1.25 9.52
CA LYS A 20 -3.39 0.09 9.86
C LYS A 20 -4.43 -0.19 8.81
N LEU A 21 -3.99 -0.73 7.69
CA LEU A 21 -4.89 -0.97 6.60
C LEU A 21 -5.62 -2.28 6.80
N ASP A 22 -6.63 -2.46 6.00
CA ASP A 22 -7.20 -3.77 5.81
C ASP A 22 -6.61 -4.32 4.54
N LYS A 23 -5.59 -5.10 4.75
CA LYS A 23 -4.78 -5.57 3.65
C LYS A 23 -5.57 -6.54 2.76
N PHE A 24 -6.56 -7.19 3.34
CA PHE A 24 -7.38 -8.18 2.63
C PHE A 24 -8.56 -7.53 1.91
N SER A 25 -9.30 -6.69 2.65
CA SER A 25 -10.61 -6.16 2.22
C SER A 25 -10.62 -5.66 0.77
N THR A 26 -10.11 -4.45 0.54
CA THR A 26 -10.10 -3.86 -0.79
C THR A 26 -8.85 -3.13 -0.98
N TRP A 27 -8.52 -3.01 -2.23
CA TRP A 27 -7.35 -2.25 -2.57
C TRP A 27 -7.61 -0.80 -2.31
N SER A 28 -8.70 -0.31 -2.85
CA SER A 28 -8.91 1.09 -2.75
C SER A 28 -9.47 1.61 -1.47
N LEU A 29 -10.21 0.81 -0.71
CA LEU A 29 -10.60 1.27 0.61
C LEU A 29 -9.34 1.84 1.23
N GLN A 30 -8.25 1.16 0.87
CA GLN A 30 -6.92 1.58 1.26
C GLN A 30 -6.38 2.69 0.35
N SER A 31 -6.46 2.46 -0.95
CA SER A 31 -5.88 3.40 -1.93
C SER A 31 -6.63 4.70 -2.15
N LYS A 32 -7.95 4.67 -2.27
CA LYS A 32 -8.71 5.91 -2.44
C LYS A 32 -8.54 6.77 -1.20
N LYS A 33 -7.95 6.18 -0.18
CA LYS A 33 -7.73 6.91 1.07
C LYS A 33 -6.25 7.25 1.26
N ILE A 34 -5.35 6.29 0.97
CA ILE A 34 -3.93 6.54 1.19
C ILE A 34 -3.34 7.43 0.10
N GLU A 35 -4.10 7.63 -0.99
CA GLU A 35 -3.69 8.59 -2.02
C GLU A 35 -3.61 10.00 -1.48
N ASN A 36 -4.39 10.29 -0.46
CA ASN A 36 -4.37 11.61 0.15
C ASN A 36 -3.19 11.73 1.10
N ASP A 37 -2.46 10.65 1.25
CA ASP A 37 -1.22 10.63 1.98
C ASP A 37 -0.07 10.67 0.98
N PRO A 38 1.02 11.37 1.30
CA PRO A 38 2.20 11.44 0.43
C PRO A 38 2.89 10.08 0.33
N ASP A 39 2.36 9.14 1.08
CA ASP A 39 2.91 7.79 1.15
C ASP A 39 2.47 6.96 -0.05
N PHE A 40 1.29 7.25 -0.61
CA PHE A 40 0.87 6.63 -1.86
C PHE A 40 1.81 7.10 -2.97
N TYR A 41 2.24 8.34 -2.84
CA TYR A 41 3.11 8.96 -3.82
C TYR A 41 4.57 8.62 -3.55
N LYS A 42 4.79 7.68 -2.63
CA LYS A 42 6.12 7.15 -2.37
C LYS A 42 6.66 6.45 -3.61
N ILE A 43 5.74 5.86 -4.39
CA ILE A 43 6.07 5.22 -5.65
C ILE A 43 5.33 5.95 -6.78
N ARG A 44 6.02 6.17 -7.89
CA ARG A 44 5.46 6.92 -9.01
C ARG A 44 4.33 6.16 -9.70
N ASP A 45 4.48 4.85 -9.83
CA ASP A 45 3.48 4.04 -10.53
C ASP A 45 2.46 3.45 -9.57
N ASP A 46 1.20 3.70 -9.86
CA ASP A 46 0.08 3.19 -9.07
C ASP A 46 -0.17 1.73 -9.40
N THR A 47 0.21 1.34 -10.63
CA THR A 47 0.03 -0.02 -11.10
C THR A 47 0.86 -1.02 -10.28
N VAL A 48 1.75 -0.49 -9.44
CA VAL A 48 2.56 -1.33 -8.57
C VAL A 48 2.07 -1.23 -7.13
N ARG A 49 1.44 -0.10 -6.81
CA ARG A 49 1.00 0.19 -5.44
C ARG A 49 0.05 -0.88 -4.92
N GLU A 50 -0.88 -1.30 -5.73
CA GLU A 50 -1.81 -2.30 -5.27
C GLU A 50 -1.26 -3.71 -5.34
N SER A 51 -0.26 -3.93 -6.13
CA SER A 51 0.49 -5.18 -6.02
C SER A 51 1.24 -5.25 -4.67
N LEU A 52 1.23 -4.14 -3.95
CA LEU A 52 2.02 -4.00 -2.72
C LEU A 52 1.48 -4.72 -1.58
N PHE A 53 0.31 -4.43 -1.49
CA PHE A 53 -0.50 -4.66 -0.42
C PHE A 53 -0.83 -6.13 -0.33
N GLU A 54 -0.89 -6.73 -1.49
CA GLU A 54 -1.04 -8.18 -1.60
C GLU A 54 0.08 -8.89 -0.85
N GLU A 55 1.31 -8.44 -1.09
CA GLU A 55 2.48 -9.08 -0.50
C GLU A 55 2.52 -8.86 1.01
N TRP A 56 2.38 -7.61 1.46
CA TRP A 56 2.43 -7.28 2.89
C TRP A 56 1.29 -7.93 3.66
N CYS A 57 0.25 -8.20 2.91
CA CYS A 57 -1.00 -8.79 3.42
C CYS A 57 -0.72 -10.16 4.00
N GLY A 58 -0.03 -10.98 3.21
CA GLY A 58 0.41 -12.28 3.66
C GLY A 58 1.91 -12.30 3.78
N GLU A 59 2.43 -11.22 4.34
CA GLU A 59 3.86 -11.01 4.44
C GLU A 59 4.38 -11.46 5.81
N ASP A 5 13.48 -1.43 -6.73
CA ASP A 5 13.12 -2.74 -7.28
C ASP A 5 13.07 -3.79 -6.19
N ILE A 6 11.84 -4.06 -5.79
CA ILE A 6 11.49 -5.02 -4.75
C ILE A 6 12.05 -4.60 -3.44
N ASP A 7 12.03 -3.36 -3.41
CA ASP A 7 12.31 -2.57 -2.18
C ASP A 7 11.50 -1.31 -2.03
N GLU A 8 10.70 -1.18 -2.96
CA GLU A 8 9.69 -0.13 -3.05
C GLU A 8 8.51 -0.55 -2.20
N ARG A 9 8.28 -1.85 -2.27
CA ARG A 9 7.08 -2.47 -1.77
C ARG A 9 6.99 -2.39 -0.25
N ASN A 10 8.05 -2.77 0.43
CA ASN A 10 8.05 -2.86 1.90
C ASN A 10 7.87 -1.50 2.53
N ILE A 11 8.03 -0.45 1.74
CA ILE A 11 7.71 0.87 2.22
C ILE A 11 6.21 0.97 2.47
N PHE A 12 5.40 0.57 1.49
CA PHE A 12 3.96 0.81 1.55
C PHE A 12 3.27 -0.01 2.63
N PHE A 13 3.49 -1.34 2.69
CA PHE A 13 3.14 -2.24 3.85
C PHE A 13 3.43 -1.56 5.18
N GLU A 14 4.58 -0.91 5.29
CA GLU A 14 4.97 -0.27 6.54
C GLU A 14 4.04 0.91 6.77
N LEU A 15 3.82 1.68 5.71
CA LEU A 15 2.83 2.73 5.70
C LEU A 15 1.45 2.12 5.84
N PHE A 16 1.31 0.89 5.33
CA PHE A 16 0.08 0.26 5.20
C PHE A 16 -0.36 -0.24 6.58
N ASP A 17 0.63 -0.56 7.40
CA ASP A 17 0.41 -0.84 8.81
C ASP A 17 0.29 0.45 9.60
N ARG A 18 1.16 1.41 9.26
CA ARG A 18 1.18 2.71 9.91
C ARG A 18 -0.18 3.40 9.83
N TYR A 19 -0.94 3.06 8.80
CA TYR A 19 -2.28 3.61 8.63
C TYR A 19 -3.31 2.51 8.76
N LYS A 20 -2.84 1.34 9.19
CA LYS A 20 -3.68 0.16 9.46
C LYS A 20 -4.70 -0.10 8.36
N LEU A 21 -4.23 -0.66 7.27
CA LEU A 21 -5.10 -1.04 6.19
C LEU A 21 -5.65 -2.43 6.42
N ASP A 22 -6.25 -2.95 5.40
CA ASP A 22 -6.64 -4.34 5.30
C ASP A 22 -6.15 -4.85 3.97
N LYS A 23 -5.12 -5.66 4.04
CA LYS A 23 -4.26 -5.96 2.90
C LYS A 23 -4.90 -7.05 2.04
N PHE A 24 -6.00 -7.59 2.57
CA PHE A 24 -6.68 -8.74 2.00
C PHE A 24 -8.16 -8.45 1.80
N SER A 25 -8.70 -7.57 2.65
CA SER A 25 -10.10 -7.15 2.58
C SER A 25 -10.44 -6.49 1.25
N THR A 26 -9.97 -5.28 1.08
CA THR A 26 -10.08 -4.54 -0.16
C THR A 26 -8.78 -3.92 -0.42
N TRP A 27 -8.63 -3.49 -1.61
CA TRP A 27 -7.52 -2.64 -1.89
C TRP A 27 -7.81 -1.23 -1.47
N SER A 28 -8.94 -0.72 -1.91
CA SER A 28 -9.17 0.67 -1.70
C SER A 28 -9.68 1.13 -0.37
N LEU A 29 -10.39 0.33 0.40
CA LEU A 29 -10.80 0.86 1.70
C LEU A 29 -9.53 1.37 2.38
N GLN A 30 -8.47 0.69 2.00
CA GLN A 30 -7.14 1.00 2.40
C GLN A 30 -6.57 2.14 1.51
N SER A 31 -6.76 2.01 0.18
CA SER A 31 -6.25 3.01 -0.80
C SER A 31 -7.08 4.30 -1.03
N LYS A 32 -8.36 4.30 -0.75
CA LYS A 32 -9.12 5.54 -0.71
C LYS A 32 -8.79 6.22 0.60
N LYS A 33 -8.11 5.45 1.43
CA LYS A 33 -7.67 5.94 2.75
C LYS A 33 -6.29 6.62 2.69
N ILE A 34 -5.22 5.83 2.47
CA ILE A 34 -3.82 6.35 2.45
C ILE A 34 -3.59 7.45 1.39
N GLU A 35 -4.38 7.40 0.34
CA GLU A 35 -4.27 8.30 -0.82
C GLU A 35 -3.70 9.67 -0.51
N ASN A 36 -4.55 10.54 0.01
CA ASN A 36 -4.20 11.90 0.41
C ASN A 36 -3.15 11.99 1.53
N ASP A 37 -2.26 11.00 1.60
CA ASP A 37 -1.15 11.02 2.54
C ASP A 37 0.15 10.88 1.77
N PRO A 38 1.21 11.58 2.18
CA PRO A 38 2.50 11.58 1.48
C PRO A 38 3.07 10.17 1.29
N ASP A 39 2.66 9.27 2.16
CA ASP A 39 3.18 7.91 2.18
C ASP A 39 2.69 7.11 0.97
N PHE A 40 1.42 7.22 0.64
CA PHE A 40 0.86 6.50 -0.51
C PHE A 40 1.34 7.15 -1.81
N TYR A 41 1.97 8.31 -1.68
CA TYR A 41 2.54 9.01 -2.82
C TYR A 41 4.01 8.66 -3.03
N LYS A 42 4.55 7.75 -2.19
CA LYS A 42 5.94 7.31 -2.32
C LYS A 42 6.19 6.78 -3.74
N ILE A 43 5.36 5.83 -4.15
CA ILE A 43 5.48 5.25 -5.48
C ILE A 43 4.61 6.02 -6.46
N ARG A 44 5.22 6.38 -7.59
CA ARG A 44 4.55 7.14 -8.63
C ARG A 44 3.33 6.39 -9.17
N ASP A 45 3.53 5.13 -9.53
CA ASP A 45 2.49 4.34 -10.17
C ASP A 45 1.56 3.74 -9.13
N ASP A 46 0.28 4.03 -9.27
CA ASP A 46 -0.75 3.54 -8.36
C ASP A 46 -1.06 2.08 -8.65
N THR A 47 -0.89 1.69 -9.90
CA THR A 47 -1.16 0.31 -10.32
C THR A 47 -0.06 -0.64 -9.81
N VAL A 48 0.88 -0.09 -9.07
CA VAL A 48 1.88 -0.88 -8.38
C VAL A 48 1.58 -0.89 -6.88
N ARG A 49 0.95 0.19 -6.42
CA ARG A 49 0.63 0.39 -5.01
C ARG A 49 -0.21 -0.74 -4.47
N GLU A 50 -1.18 -1.16 -5.23
CA GLU A 50 -2.08 -2.17 -4.74
C GLU A 50 -1.50 -3.55 -4.85
N SER A 51 -0.69 -3.80 -5.85
CA SER A 51 0.03 -5.06 -5.92
C SER A 51 1.00 -5.17 -4.73
N LEU A 52 1.16 -4.06 -4.01
CA LEU A 52 2.05 -3.98 -2.87
C LEU A 52 1.61 -4.74 -1.72
N PHE A 53 0.46 -4.44 -1.49
CA PHE A 53 -0.20 -4.58 -0.30
C PHE A 53 -0.66 -6.01 -0.11
N GLU A 54 -0.89 -6.62 -1.24
CA GLU A 54 -1.14 -8.06 -1.33
C GLU A 54 0.07 -8.83 -0.80
N GLU A 55 1.25 -8.31 -1.08
CA GLU A 55 2.50 -8.94 -0.63
C GLU A 55 2.63 -8.79 0.89
N TRP A 56 2.47 -7.56 1.37
CA TRP A 56 2.58 -7.28 2.80
C TRP A 56 1.42 -7.88 3.58
N CYS A 57 0.42 -8.26 2.82
CA CYS A 57 -0.78 -8.90 3.34
C CYS A 57 -0.41 -10.25 3.97
N GLY A 58 0.34 -11.05 3.22
CA GLY A 58 0.80 -12.32 3.71
C GLY A 58 2.26 -12.25 4.08
N GLU A 59 2.66 -11.04 4.42
CA GLU A 59 4.04 -10.73 4.66
C GLU A 59 4.39 -10.99 6.12
N ASP A 5 11.07 -2.79 -8.12
CA ASP A 5 11.72 -4.09 -8.13
C ASP A 5 12.12 -4.50 -6.72
N ILE A 6 11.11 -4.79 -5.92
CA ILE A 6 11.25 -5.15 -4.50
C ILE A 6 12.24 -4.27 -3.74
N ASP A 7 11.69 -3.24 -3.14
CA ASP A 7 12.46 -2.29 -2.32
C ASP A 7 11.55 -1.34 -1.66
N GLU A 8 10.89 -0.91 -2.57
CA GLU A 8 9.87 0.13 -2.49
C GLU A 8 8.55 -0.43 -1.96
N ARG A 9 8.30 -1.70 -2.26
CA ARG A 9 7.08 -2.38 -1.84
C ARG A 9 6.90 -2.32 -0.33
N ASN A 10 7.93 -2.70 0.39
CA ASN A 10 7.89 -2.79 1.86
C ASN A 10 7.64 -1.43 2.47
N ILE A 11 7.91 -0.38 1.70
CA ILE A 11 7.55 0.95 2.12
C ILE A 11 6.05 1.02 2.34
N PHE A 12 5.25 0.55 1.37
CA PHE A 12 3.81 0.74 1.45
C PHE A 12 3.17 -0.10 2.55
N PHE A 13 3.42 -1.42 2.63
CA PHE A 13 3.12 -2.30 3.81
C PHE A 13 3.44 -1.57 5.12
N GLU A 14 4.61 -0.95 5.18
CA GLU A 14 5.02 -0.23 6.39
C GLU A 14 4.12 0.97 6.60
N LEU A 15 3.84 1.70 5.52
CA LEU A 15 2.84 2.74 5.54
C LEU A 15 1.48 2.12 5.80
N PHE A 16 1.33 0.88 5.32
CA PHE A 16 0.10 0.24 5.29
C PHE A 16 -0.25 -0.23 6.68
N ASP A 17 0.78 -0.53 7.45
CA ASP A 17 0.66 -0.81 8.88
C ASP A 17 0.54 0.45 9.68
N ARG A 18 1.40 1.40 9.35
CA ARG A 18 1.44 2.70 10.02
C ARG A 18 0.08 3.40 9.90
N TYR A 19 -0.64 3.09 8.84
CA TYR A 19 -1.94 3.70 8.60
C TYR A 19 -3.02 2.64 8.76
N LYS A 20 -2.59 1.49 9.30
CA LYS A 20 -3.48 0.36 9.64
C LYS A 20 -4.42 -0.01 8.53
N LEU A 21 -3.95 -0.81 7.62
CA LEU A 21 -4.85 -1.36 6.63
C LEU A 21 -5.28 -2.74 7.00
N ASP A 22 -6.48 -3.01 6.60
CA ASP A 22 -7.00 -4.35 6.65
C ASP A 22 -6.59 -4.99 5.38
N LYS A 23 -5.37 -5.45 5.42
CA LYS A 23 -4.61 -5.81 4.24
C LYS A 23 -5.34 -6.82 3.33
N PHE A 24 -6.32 -7.52 3.89
CA PHE A 24 -6.97 -8.62 3.17
C PHE A 24 -8.41 -8.28 2.73
N SER A 25 -8.92 -7.11 3.09
CA SER A 25 -10.32 -6.78 2.81
C SER A 25 -10.51 -6.34 1.36
N THR A 26 -10.11 -5.11 1.05
CA THR A 26 -10.12 -4.61 -0.32
C THR A 26 -8.86 -3.90 -0.52
N TRP A 27 -8.58 -3.72 -1.75
CA TRP A 27 -7.40 -2.97 -2.03
C TRP A 27 -7.60 -1.55 -1.62
N SER A 28 -8.67 -0.95 -2.09
CA SER A 28 -8.89 0.40 -1.74
C SER A 28 -9.53 0.74 -0.44
N LEU A 29 -10.41 -0.06 0.10
CA LEU A 29 -10.96 0.32 1.40
C LEU A 29 -9.75 0.70 2.25
N GLN A 30 -8.67 -0.02 1.98
CA GLN A 30 -7.39 0.27 2.55
C GLN A 30 -6.66 1.40 1.80
N SER A 31 -6.55 1.28 0.45
CA SER A 31 -5.80 2.25 -0.38
C SER A 31 -6.48 3.59 -0.60
N LYS A 32 -7.76 3.68 -0.29
CA LYS A 32 -8.44 4.95 -0.16
C LYS A 32 -7.84 5.68 1.01
N LYS A 33 -7.02 4.96 1.75
CA LYS A 33 -6.51 5.49 3.02
C LYS A 33 -5.09 5.97 2.83
N ILE A 34 -4.55 5.64 1.68
CA ILE A 34 -3.24 6.12 1.28
C ILE A 34 -3.41 7.04 0.08
N GLU A 35 -4.47 6.79 -0.67
CA GLU A 35 -4.77 7.45 -1.95
C GLU A 35 -4.19 8.86 -2.09
N ASN A 36 -4.92 9.83 -1.56
CA ASN A 36 -4.50 11.24 -1.62
C ASN A 36 -3.49 11.58 -0.52
N ASP A 37 -2.87 10.57 0.05
CA ASP A 37 -1.80 10.76 1.02
C ASP A 37 -0.46 10.70 0.30
N PRO A 38 0.50 11.55 0.72
CA PRO A 38 1.81 11.66 0.06
C PRO A 38 2.52 10.31 -0.08
N ASP A 39 2.20 9.39 0.81
CA ASP A 39 2.90 8.11 0.86
C ASP A 39 2.41 7.13 -0.21
N PHE A 40 1.17 7.28 -0.65
CA PHE A 40 0.63 6.47 -1.75
C PHE A 40 1.30 6.90 -3.06
N TYR A 41 1.80 8.13 -3.06
CA TYR A 41 2.48 8.68 -4.21
C TYR A 41 3.98 8.34 -4.16
N LYS A 42 4.37 7.51 -3.20
CA LYS A 42 5.74 7.01 -3.13
C LYS A 42 6.01 6.11 -4.33
N ILE A 43 4.95 5.49 -4.82
CA ILE A 43 5.04 4.67 -6.02
C ILE A 43 4.28 5.35 -7.15
N ARG A 44 4.97 5.52 -8.28
CA ARG A 44 4.39 6.16 -9.45
C ARG A 44 3.16 5.40 -9.94
N ASP A 45 3.38 4.14 -10.28
CA ASP A 45 2.34 3.32 -10.87
C ASP A 45 1.39 2.78 -9.81
N ASP A 46 0.13 3.19 -9.90
CA ASP A 46 -0.91 2.71 -8.98
C ASP A 46 -1.11 1.22 -9.14
N THR A 47 -0.86 0.72 -10.35
CA THR A 47 -1.01 -0.70 -10.65
C THR A 47 0.12 -1.52 -10.00
N VAL A 48 1.03 -0.82 -9.33
CA VAL A 48 2.06 -1.46 -8.53
C VAL A 48 1.72 -1.33 -7.04
N ARG A 49 0.94 -0.30 -6.72
CA ARG A 49 0.58 -0.01 -5.33
C ARG A 49 -0.24 -1.13 -4.73
N GLU A 50 -1.24 -1.57 -5.44
CA GLU A 50 -2.07 -2.67 -4.96
C GLU A 50 -1.44 -4.03 -5.22
N SER A 51 -0.41 -4.04 -5.97
CA SER A 51 0.51 -5.18 -5.96
C SER A 51 1.36 -5.18 -4.68
N LEU A 52 1.27 -4.08 -3.93
CA LEU A 52 2.05 -3.93 -2.71
C LEU A 52 1.52 -4.68 -1.56
N PHE A 53 0.35 -4.44 -1.46
CA PHE A 53 -0.43 -4.66 -0.34
C PHE A 53 -0.82 -6.12 -0.28
N GLU A 54 -0.98 -6.64 -1.47
CA GLU A 54 -1.22 -8.05 -1.67
C GLU A 54 -0.08 -8.89 -1.09
N GLU A 55 1.14 -8.37 -1.16
CA GLU A 55 2.30 -9.07 -0.59
C GLU A 55 2.39 -8.89 0.92
N TRP A 56 2.32 -7.63 1.39
CA TRP A 56 2.49 -7.32 2.81
C TRP A 56 1.40 -7.97 3.66
N CYS A 57 0.33 -8.30 2.99
CA CYS A 57 -0.83 -8.94 3.60
C CYS A 57 -0.44 -10.30 4.16
N GLY A 58 0.22 -11.10 3.33
CA GLY A 58 0.73 -12.37 3.77
C GLY A 58 2.25 -12.34 3.76
N GLU A 59 2.78 -11.26 4.31
CA GLU A 59 4.20 -10.99 4.25
C GLU A 59 4.85 -11.31 5.59
N ASP A 5 10.40 -3.37 -8.04
CA ASP A 5 11.40 -4.41 -8.11
C ASP A 5 11.67 -4.92 -6.73
N ILE A 6 10.58 -5.31 -6.12
CA ILE A 6 10.50 -5.72 -4.72
C ILE A 6 11.52 -5.02 -3.81
N ASP A 7 11.11 -3.90 -3.30
CA ASP A 7 11.93 -3.12 -2.36
C ASP A 7 11.14 -2.06 -1.71
N GLU A 8 10.63 -1.48 -2.62
CA GLU A 8 9.76 -0.31 -2.50
C GLU A 8 8.39 -0.74 -2.00
N ARG A 9 8.09 -2.01 -2.26
CA ARG A 9 6.88 -2.63 -1.79
C ARG A 9 6.75 -2.47 -0.28
N ASN A 10 7.82 -2.83 0.42
CA ASN A 10 7.84 -2.84 1.90
C ASN A 10 7.63 -1.46 2.46
N ILE A 11 7.89 -0.46 1.63
CA ILE A 11 7.60 0.90 2.02
C ILE A 11 6.12 1.06 2.28
N PHE A 12 5.28 0.50 1.40
CA PHE A 12 3.85 0.71 1.51
C PHE A 12 3.20 -0.12 2.60
N PHE A 13 3.42 -1.45 2.67
CA PHE A 13 3.12 -2.30 3.88
C PHE A 13 3.47 -1.54 5.16
N GLU A 14 4.65 -0.89 5.16
CA GLU A 14 5.10 -0.14 6.34
C GLU A 14 4.15 1.02 6.58
N LEU A 15 3.86 1.76 5.51
CA LEU A 15 2.83 2.80 5.55
C LEU A 15 1.49 2.15 5.82
N PHE A 16 1.33 0.92 5.34
CA PHE A 16 0.08 0.28 5.30
C PHE A 16 -0.25 -0.19 6.71
N ASP A 17 0.81 -0.42 7.48
CA ASP A 17 0.70 -0.78 8.90
C ASP A 17 0.47 0.47 9.72
N ARG A 18 1.25 1.50 9.44
CA ARG A 18 1.12 2.77 10.14
C ARG A 18 -0.26 3.39 9.90
N TYR A 19 -0.90 2.98 8.82
CA TYR A 19 -2.26 3.43 8.54
C TYR A 19 -3.24 2.29 8.79
N LYS A 20 -2.71 1.22 9.37
CA LYS A 20 -3.47 0.04 9.76
C LYS A 20 -4.45 -0.41 8.69
N LEU A 21 -3.93 -0.89 7.57
CA LEU A 21 -4.78 -1.37 6.53
C LEU A 21 -5.22 -2.77 6.81
N ASP A 22 -6.43 -3.00 6.41
CA ASP A 22 -6.97 -4.33 6.40
C ASP A 22 -6.51 -4.97 5.14
N LYS A 23 -5.33 -5.52 5.23
CA LYS A 23 -4.57 -5.92 4.07
C LYS A 23 -5.32 -6.94 3.21
N PHE A 24 -6.19 -7.71 3.85
CA PHE A 24 -6.91 -8.79 3.17
C PHE A 24 -8.30 -8.35 2.71
N SER A 25 -8.80 -7.23 3.22
CA SER A 25 -10.19 -6.83 2.98
C SER A 25 -10.40 -6.43 1.52
N THR A 26 -9.91 -5.25 1.17
CA THR A 26 -10.02 -4.72 -0.17
C THR A 26 -8.83 -3.89 -0.41
N TRP A 27 -8.60 -3.66 -1.64
CA TRP A 27 -7.54 -2.75 -1.94
C TRP A 27 -7.92 -1.38 -1.52
N SER A 28 -9.08 -0.92 -1.97
CA SER A 28 -9.45 0.41 -1.67
C SER A 28 -10.08 0.73 -0.35
N LEU A 29 -10.72 -0.21 0.33
CA LEU A 29 -11.20 0.16 1.65
C LEU A 29 -9.99 0.75 2.36
N GLN A 30 -8.85 0.16 1.99
CA GLN A 30 -7.56 0.59 2.45
C GLN A 30 -7.02 1.80 1.63
N SER A 31 -7.07 1.68 0.28
CA SER A 31 -6.59 2.73 -0.65
C SER A 31 -7.53 3.93 -0.89
N LYS A 32 -8.76 3.89 -0.45
CA LYS A 32 -9.59 5.10 -0.46
C LYS A 32 -9.18 5.91 0.75
N LYS A 33 -8.38 5.25 1.57
CA LYS A 33 -7.86 5.86 2.81
C LYS A 33 -6.59 6.65 2.52
N ILE A 34 -5.52 5.94 2.18
CA ILE A 34 -4.19 6.55 1.96
C ILE A 34 -4.22 7.63 0.87
N GLU A 35 -5.08 7.44 -0.10
CA GLU A 35 -5.35 8.42 -1.14
C GLU A 35 -5.35 9.84 -0.62
N ASN A 36 -4.40 10.57 -1.16
CA ASN A 36 -4.18 12.00 -0.91
C ASN A 36 -3.27 12.20 0.31
N ASP A 37 -2.84 11.11 0.92
CA ASP A 37 -1.81 11.16 1.96
C ASP A 37 -0.44 11.01 1.31
N PRO A 38 0.58 11.73 1.82
CA PRO A 38 1.93 11.71 1.25
C PRO A 38 2.53 10.31 1.15
N ASP A 39 2.08 9.43 2.03
CA ASP A 39 2.57 8.05 2.08
C ASP A 39 2.24 7.31 0.80
N PHE A 40 0.99 7.40 0.37
CA PHE A 40 0.50 6.67 -0.81
C PHE A 40 1.11 7.24 -2.09
N TYR A 41 1.75 8.40 -1.98
CA TYR A 41 2.39 9.03 -3.13
C TYR A 41 3.87 8.65 -3.23
N LYS A 42 4.33 7.77 -2.34
CA LYS A 42 5.73 7.35 -2.34
C LYS A 42 6.08 6.62 -3.64
N ILE A 43 5.22 5.72 -4.06
CA ILE A 43 5.45 4.98 -5.30
C ILE A 43 4.85 5.75 -6.48
N ARG A 44 5.65 5.90 -7.51
CA ARG A 44 5.26 6.63 -8.72
C ARG A 44 4.02 6.02 -9.35
N ASP A 45 4.00 4.69 -9.43
CA ASP A 45 2.92 3.97 -10.08
C ASP A 45 1.86 3.55 -9.07
N ASP A 46 0.63 3.97 -9.33
CA ASP A 46 -0.53 3.57 -8.52
C ASP A 46 -0.93 2.16 -8.89
N THR A 47 -0.53 1.75 -10.10
CA THR A 47 -0.77 0.41 -10.59
C THR A 47 0.16 -0.60 -9.92
N VAL A 48 1.04 -0.10 -9.06
CA VAL A 48 1.92 -0.95 -8.28
C VAL A 48 1.53 -0.90 -6.80
N ARG A 49 0.87 0.19 -6.40
CA ARG A 49 0.48 0.41 -5.01
C ARG A 49 -0.37 -0.73 -4.48
N GLU A 50 -1.38 -1.08 -5.23
CA GLU A 50 -2.21 -2.18 -4.84
C GLU A 50 -1.64 -3.53 -5.19
N SER A 51 -0.61 -3.56 -5.95
CA SER A 51 0.20 -4.77 -6.03
C SER A 51 1.07 -4.91 -4.79
N LEU A 52 1.11 -3.86 -3.99
CA LEU A 52 2.00 -3.80 -2.83
C LEU A 52 1.54 -4.62 -1.69
N PHE A 53 0.36 -4.43 -1.54
CA PHE A 53 -0.36 -4.70 -0.40
C PHE A 53 -0.67 -6.17 -0.32
N GLU A 54 -0.77 -6.74 -1.50
CA GLU A 54 -0.89 -8.18 -1.66
C GLU A 54 0.28 -8.88 -0.98
N GLU A 55 1.47 -8.26 -1.08
CA GLU A 55 2.67 -8.86 -0.52
C GLU A 55 2.70 -8.75 0.99
N TRP A 56 2.47 -7.55 1.52
CA TRP A 56 2.56 -7.29 2.97
C TRP A 56 1.44 -7.99 3.72
N CYS A 57 0.44 -8.33 2.96
CA CYS A 57 -0.74 -9.01 3.45
C CYS A 57 -0.35 -10.40 3.94
N GLY A 58 0.42 -11.10 3.12
CA GLY A 58 0.93 -12.40 3.49
C GLY A 58 2.44 -12.35 3.57
N GLU A 59 2.94 -11.25 4.11
CA GLU A 59 4.37 -10.98 4.15
C GLU A 59 4.94 -11.39 5.50
N ASP A 5 11.45 -0.85 -8.26
CA ASP A 5 11.58 -2.24 -8.66
C ASP A 5 11.91 -3.08 -7.42
N ILE A 6 10.85 -3.57 -6.79
CA ILE A 6 10.91 -4.34 -5.54
C ILE A 6 11.90 -3.79 -4.51
N ASP A 7 11.37 -2.96 -3.64
CA ASP A 7 12.15 -2.34 -2.55
C ASP A 7 11.32 -1.43 -1.74
N GLU A 8 10.69 -0.80 -2.54
CA GLU A 8 9.72 0.23 -2.23
C GLU A 8 8.38 -0.39 -1.86
N ARG A 9 8.20 -1.65 -2.22
CA ARG A 9 6.98 -2.38 -1.87
C ARG A 9 6.78 -2.41 -0.37
N ASN A 10 7.82 -2.80 0.35
CA ASN A 10 7.78 -2.94 1.81
C ASN A 10 7.54 -1.59 2.45
N ILE A 11 7.86 -0.54 1.72
CA ILE A 11 7.56 0.79 2.18
C ILE A 11 6.06 0.95 2.36
N PHE A 12 5.25 0.52 1.39
CA PHE A 12 3.82 0.76 1.46
C PHE A 12 3.14 -0.08 2.56
N PHE A 13 3.35 -1.40 2.61
CA PHE A 13 3.04 -2.28 3.80
C PHE A 13 3.39 -1.56 5.10
N GLU A 14 4.58 -0.97 5.15
CA GLU A 14 5.03 -0.27 6.36
C GLU A 14 4.18 0.96 6.60
N LEU A 15 3.85 1.66 5.52
CA LEU A 15 2.88 2.74 5.57
C LEU A 15 1.51 2.16 5.81
N PHE A 16 1.33 0.94 5.34
CA PHE A 16 0.08 0.32 5.33
C PHE A 16 -0.17 -0.21 6.75
N ASP A 17 0.92 -0.46 7.44
CA ASP A 17 0.90 -0.80 8.86
C ASP A 17 0.74 0.45 9.69
N ARG A 18 1.53 1.45 9.33
CA ARG A 18 1.50 2.74 9.99
C ARG A 18 0.12 3.38 9.90
N TYR A 19 -0.66 3.00 8.89
CA TYR A 19 -2.01 3.53 8.77
C TYR A 19 -3.01 2.46 9.16
N LYS A 20 -2.50 1.27 9.50
CA LYS A 20 -3.32 0.13 9.90
C LYS A 20 -4.37 -0.17 8.86
N LEU A 21 -3.96 -0.71 7.72
CA LEU A 21 -4.90 -0.98 6.67
C LEU A 21 -5.61 -2.28 6.92
N ASP A 22 -6.66 -2.47 6.19
CA ASP A 22 -7.28 -3.77 6.08
C ASP A 22 -6.75 -4.40 4.84
N LYS A 23 -5.63 -5.03 5.05
CA LYS A 23 -4.80 -5.54 3.95
C LYS A 23 -5.56 -6.59 3.15
N PHE A 24 -6.43 -7.33 3.83
CA PHE A 24 -7.14 -8.47 3.24
C PHE A 24 -8.57 -8.12 2.84
N SER A 25 -9.01 -6.89 3.13
CA SER A 25 -10.38 -6.50 2.86
C SER A 25 -10.55 -6.13 1.38
N THR A 26 -10.13 -4.93 1.03
CA THR A 26 -10.22 -4.43 -0.32
C THR A 26 -9.05 -3.60 -0.60
N TRP A 27 -8.72 -3.55 -1.84
CA TRP A 27 -7.61 -2.73 -2.24
C TRP A 27 -7.98 -1.29 -2.04
N SER A 28 -9.12 -0.90 -2.56
CA SER A 28 -9.43 0.47 -2.51
C SER A 28 -10.01 1.00 -1.25
N LEU A 29 -10.65 0.20 -0.40
CA LEU A 29 -11.06 0.75 0.88
C LEU A 29 -9.80 1.35 1.48
N GLN A 30 -8.68 0.74 1.09
CA GLN A 30 -7.37 1.25 1.42
C GLN A 30 -6.96 2.38 0.47
N SER A 31 -7.10 2.11 -0.84
CA SER A 31 -6.65 3.04 -1.89
C SER A 31 -7.56 4.25 -2.21
N LYS A 32 -8.84 4.19 -1.96
CA LYS A 32 -9.64 5.40 -1.98
C LYS A 32 -9.43 6.12 -0.67
N LYS A 33 -8.78 5.40 0.23
CA LYS A 33 -8.45 5.94 1.56
C LYS A 33 -7.13 6.71 1.56
N ILE A 34 -6.00 6.01 1.35
CA ILE A 34 -4.66 6.63 1.38
C ILE A 34 -4.58 7.85 0.44
N GLU A 35 -5.11 7.67 -0.76
CA GLU A 35 -5.13 8.62 -1.86
C GLU A 35 -4.11 9.77 -1.74
N ASN A 36 -4.62 10.93 -1.36
CA ASN A 36 -3.83 12.17 -1.34
C ASN A 36 -2.80 12.24 -0.21
N ASP A 37 -2.63 11.17 0.56
CA ASP A 37 -1.61 11.15 1.59
C ASP A 37 -0.23 10.91 1.00
N PRO A 38 0.81 11.55 1.57
CA PRO A 38 2.20 11.41 1.10
C PRO A 38 2.66 9.97 1.04
N ASP A 39 2.07 9.14 1.89
CA ASP A 39 2.40 7.71 1.94
C ASP A 39 2.08 7.01 0.63
N PHE A 40 0.86 7.22 0.14
CA PHE A 40 0.40 6.56 -1.07
C PHE A 40 1.05 7.17 -2.31
N TYR A 41 1.72 8.30 -2.12
CA TYR A 41 2.43 8.96 -3.21
C TYR A 41 3.93 8.66 -3.17
N LYS A 42 4.33 7.70 -2.33
CA LYS A 42 5.73 7.28 -2.26
C LYS A 42 6.11 6.54 -3.53
N ILE A 43 5.10 6.00 -4.22
CA ILE A 43 5.31 5.33 -5.49
C ILE A 43 4.47 6.00 -6.56
N ARG A 44 5.13 6.40 -7.65
CA ARG A 44 4.47 7.08 -8.76
C ARG A 44 3.37 6.23 -9.39
N ASP A 45 3.66 4.95 -9.60
CA ASP A 45 2.73 4.08 -10.31
C ASP A 45 1.72 3.46 -9.37
N ASP A 46 0.45 3.75 -9.63
CA ASP A 46 -0.65 3.23 -8.83
C ASP A 46 -0.86 1.75 -9.12
N THR A 47 -0.46 1.32 -10.30
CA THR A 47 -0.57 -0.07 -10.72
C THR A 47 0.49 -0.95 -10.06
N VAL A 48 1.31 -0.34 -9.22
CA VAL A 48 2.26 -1.09 -8.40
C VAL A 48 1.79 -1.09 -6.95
N ARG A 49 1.02 -0.05 -6.61
CA ARG A 49 0.56 0.18 -5.24
C ARG A 49 -0.28 -0.97 -4.72
N GLU A 50 -1.24 -1.40 -5.48
CA GLU A 50 -2.06 -2.50 -5.04
C GLU A 50 -1.44 -3.85 -5.26
N SER A 51 -0.41 -3.92 -6.04
CA SER A 51 0.43 -5.12 -6.03
C SER A 51 1.24 -5.20 -4.74
N LEU A 52 1.20 -4.12 -3.97
CA LEU A 52 2.01 -3.99 -2.77
C LEU A 52 1.50 -4.75 -1.62
N PHE A 53 0.34 -4.45 -1.51
CA PHE A 53 -0.47 -4.70 -0.44
C PHE A 53 -0.76 -6.17 -0.32
N GLU A 54 -0.77 -6.81 -1.48
CA GLU A 54 -0.87 -8.26 -1.58
C GLU A 54 0.26 -8.91 -0.78
N GLU A 55 1.46 -8.43 -1.05
CA GLU A 55 2.66 -8.99 -0.44
C GLU A 55 2.66 -8.79 1.07
N TRP A 56 2.38 -7.56 1.51
CA TRP A 56 2.37 -7.23 2.93
C TRP A 56 1.15 -7.85 3.64
N CYS A 57 0.16 -8.18 2.85
CA CYS A 57 -1.07 -8.80 3.34
C CYS A 57 -0.77 -10.22 3.79
N GLY A 58 -0.10 -10.96 2.91
CA GLY A 58 0.36 -12.29 3.25
C GLY A 58 1.81 -12.25 3.64
N GLU A 59 2.15 -11.22 4.40
CA GLU A 59 3.53 -10.95 4.76
C GLU A 59 3.80 -11.53 6.14
N ASP A 5 12.66 -2.76 -7.70
CA ASP A 5 12.86 -4.20 -7.73
C ASP A 5 12.70 -4.79 -6.33
N ILE A 6 11.43 -4.92 -5.94
CA ILE A 6 11.02 -5.34 -4.60
C ILE A 6 11.89 -4.74 -3.50
N ASP A 7 11.45 -3.60 -3.03
CA ASP A 7 12.17 -2.85 -2.00
C ASP A 7 11.30 -1.83 -1.40
N GLU A 8 10.90 -1.21 -2.34
CA GLU A 8 9.99 -0.06 -2.33
C GLU A 8 8.60 -0.51 -1.89
N ARG A 9 8.29 -1.74 -2.21
CA ARG A 9 7.04 -2.36 -1.82
C ARG A 9 6.84 -2.29 -0.32
N ASN A 10 7.86 -2.69 0.42
CA ASN A 10 7.81 -2.78 1.89
C ASN A 10 7.58 -1.41 2.49
N ILE A 11 7.87 -0.38 1.72
CA ILE A 11 7.54 0.96 2.11
C ILE A 11 6.04 1.08 2.31
N PHE A 12 5.25 0.55 1.36
CA PHE A 12 3.81 0.75 1.43
C PHE A 12 3.15 -0.09 2.52
N PHE A 13 3.40 -1.42 2.58
CA PHE A 13 3.11 -2.28 3.78
C PHE A 13 3.45 -1.54 5.07
N GLU A 14 4.61 -0.87 5.09
CA GLU A 14 5.03 -0.12 6.27
C GLU A 14 4.07 1.02 6.52
N LEU A 15 3.82 1.77 5.47
CA LEU A 15 2.78 2.80 5.49
C LEU A 15 1.46 2.14 5.78
N PHE A 16 1.31 0.91 5.31
CA PHE A 16 0.09 0.25 5.30
C PHE A 16 -0.17 -0.28 6.72
N ASP A 17 0.91 -0.53 7.44
CA ASP A 17 0.84 -0.87 8.85
C ASP A 17 0.66 0.36 9.70
N ARG A 18 1.44 1.36 9.38
CA ARG A 18 1.42 2.63 10.08
C ARG A 18 0.04 3.29 9.98
N TYR A 19 -0.70 2.95 8.93
CA TYR A 19 -2.06 3.46 8.77
C TYR A 19 -3.03 2.34 9.12
N LYS A 20 -2.43 1.19 9.48
CA LYS A 20 -3.12 -0.06 9.77
C LYS A 20 -4.26 -0.31 8.82
N LEU A 21 -3.91 -0.85 7.68
CA LEU A 21 -4.87 -1.10 6.63
C LEU A 21 -5.53 -2.42 6.84
N ASP A 22 -6.60 -2.59 6.15
CA ASP A 22 -7.26 -3.87 6.07
C ASP A 22 -6.67 -4.58 4.90
N LYS A 23 -5.52 -5.10 5.19
CA LYS A 23 -4.65 -5.66 4.15
C LYS A 23 -5.32 -6.84 3.46
N PHE A 24 -6.19 -7.53 4.19
CA PHE A 24 -6.85 -8.74 3.71
C PHE A 24 -8.33 -8.49 3.38
N SER A 25 -8.66 -7.26 3.01
CA SER A 25 -10.05 -6.91 2.71
C SER A 25 -10.21 -6.48 1.26
N THR A 26 -9.86 -5.23 0.98
CA THR A 26 -10.00 -4.66 -0.35
C THR A 26 -8.85 -3.78 -0.62
N TRP A 27 -8.58 -3.64 -1.88
CA TRP A 27 -7.53 -2.77 -2.29
C TRP A 27 -7.92 -1.36 -2.00
N SER A 28 -9.09 -0.98 -2.46
CA SER A 28 -9.43 0.38 -2.34
C SER A 28 -9.96 0.83 -1.03
N LEU A 29 -10.52 -0.03 -0.21
CA LEU A 29 -10.85 0.40 1.14
C LEU A 29 -9.59 1.06 1.67
N GLN A 30 -8.49 0.52 1.20
CA GLN A 30 -7.17 1.04 1.49
C GLN A 30 -6.83 2.23 0.57
N SER A 31 -7.01 2.00 -0.74
CA SER A 31 -6.64 2.99 -1.78
C SER A 31 -7.60 4.17 -2.02
N LYS A 32 -8.85 4.09 -1.64
CA LYS A 32 -9.66 5.29 -1.57
C LYS A 32 -9.32 6.00 -0.27
N LYS A 33 -8.67 5.21 0.59
CA LYS A 33 -8.27 5.70 1.92
C LYS A 33 -6.94 6.46 1.90
N ILE A 34 -5.86 5.78 1.52
CA ILE A 34 -4.51 6.38 1.52
C ILE A 34 -4.44 7.65 0.67
N GLU A 35 -5.20 7.64 -0.41
CA GLU A 35 -5.38 8.77 -1.27
C GLU A 35 -5.43 10.07 -0.52
N ASN A 36 -4.77 10.97 -1.16
CA ASN A 36 -4.53 12.33 -0.69
C ASN A 36 -3.35 12.39 0.29
N ASP A 37 -3.00 11.26 0.89
CA ASP A 37 -1.83 11.20 1.78
C ASP A 37 -0.55 11.12 0.95
N PRO A 38 0.54 11.75 1.42
CA PRO A 38 1.82 11.75 0.71
C PRO A 38 2.41 10.34 0.57
N ASP A 39 1.86 9.41 1.32
CA ASP A 39 2.38 8.06 1.37
C ASP A 39 1.92 7.21 0.17
N PHE A 40 0.69 7.40 -0.28
CA PHE A 40 0.18 6.60 -1.39
C PHE A 40 0.94 6.92 -2.67
N TYR A 41 1.43 8.15 -2.82
CA TYR A 41 2.20 8.49 -4.01
C TYR A 41 3.70 8.44 -3.74
N LYS A 42 4.10 7.64 -2.75
CA LYS A 42 5.52 7.34 -2.52
C LYS A 42 6.10 6.60 -3.73
N ILE A 43 5.24 5.82 -4.39
CA ILE A 43 5.64 5.12 -5.59
C ILE A 43 5.08 5.83 -6.81
N ARG A 44 5.93 5.96 -7.83
CA ARG A 44 5.60 6.67 -9.06
C ARG A 44 4.38 6.10 -9.77
N ASP A 45 4.14 4.80 -9.62
CA ASP A 45 3.04 4.14 -10.31
C ASP A 45 2.03 3.57 -9.34
N ASP A 46 0.77 3.60 -9.76
CA ASP A 46 -0.36 3.19 -8.94
C ASP A 46 -0.70 1.73 -9.17
N THR A 47 -0.41 1.25 -10.36
CA THR A 47 -0.69 -0.14 -10.71
C THR A 47 0.43 -1.05 -10.17
N VAL A 48 1.20 -0.50 -9.25
CA VAL A 48 2.17 -1.26 -8.48
C VAL A 48 1.77 -1.19 -7.01
N ARG A 49 1.00 -0.16 -6.67
CA ARG A 49 0.58 0.12 -5.29
C ARG A 49 -0.29 -0.99 -4.75
N GLU A 50 -1.26 -1.40 -5.52
CA GLU A 50 -2.12 -2.48 -5.12
C GLU A 50 -1.52 -3.85 -5.36
N SER A 51 -0.45 -3.89 -6.06
CA SER A 51 0.39 -5.08 -6.01
C SER A 51 1.20 -5.14 -4.71
N LEU A 52 1.17 -4.04 -3.96
CA LEU A 52 1.98 -3.92 -2.75
C LEU A 52 1.47 -4.67 -1.60
N PHE A 53 0.29 -4.47 -1.51
CA PHE A 53 -0.47 -4.71 -0.39
C PHE A 53 -0.83 -6.17 -0.30
N GLU A 54 -0.96 -6.75 -1.48
CA GLU A 54 -1.12 -8.20 -1.59
C GLU A 54 0.03 -8.89 -0.89
N GLU A 55 1.24 -8.39 -1.13
CA GLU A 55 2.44 -8.99 -0.56
C GLU A 55 2.53 -8.80 0.94
N TRP A 56 2.37 -7.57 1.42
CA TRP A 56 2.50 -7.26 2.86
C TRP A 56 1.39 -7.93 3.67
N CYS A 57 0.35 -8.27 2.95
CA CYS A 57 -0.85 -8.91 3.53
C CYS A 57 -0.49 -10.27 4.09
N GLY A 58 0.26 -11.04 3.31
CA GLY A 58 0.72 -12.34 3.75
C GLY A 58 2.23 -12.35 3.85
N GLU A 59 2.77 -11.17 4.06
CA GLU A 59 4.20 -10.95 4.09
C GLU A 59 4.76 -11.40 5.43
N ASP A 5 11.48 -2.63 -8.40
CA ASP A 5 12.23 -3.87 -8.37
C ASP A 5 12.25 -4.40 -6.96
N ILE A 6 11.06 -4.78 -6.50
CA ILE A 6 10.80 -5.26 -5.14
C ILE A 6 11.72 -4.67 -4.08
N ASP A 7 11.27 -3.57 -3.53
CA ASP A 7 12.01 -2.83 -2.50
C ASP A 7 11.15 -1.84 -1.85
N GLU A 8 10.69 -1.21 -2.76
CA GLU A 8 9.77 -0.08 -2.66
C GLU A 8 8.43 -0.53 -2.09
N ARG A 9 8.08 -1.77 -2.36
CA ARG A 9 6.84 -2.37 -1.88
C ARG A 9 6.72 -2.28 -0.37
N ASN A 10 7.77 -2.69 0.32
CA ASN A 10 7.78 -2.77 1.80
C ASN A 10 7.52 -1.42 2.40
N ILE A 11 7.84 -0.38 1.65
CA ILE A 11 7.51 0.97 2.06
C ILE A 11 6.01 1.06 2.33
N PHE A 12 5.19 0.59 1.38
CA PHE A 12 3.75 0.79 1.48
C PHE A 12 3.12 -0.08 2.58
N PHE A 13 3.37 -1.40 2.63
CA PHE A 13 3.07 -2.29 3.82
C PHE A 13 3.40 -1.58 5.12
N GLU A 14 4.59 -0.97 5.18
CA GLU A 14 5.02 -0.30 6.41
C GLU A 14 4.17 0.94 6.65
N LEU A 15 3.88 1.65 5.57
CA LEU A 15 2.88 2.71 5.64
C LEU A 15 1.54 2.09 5.92
N PHE A 16 1.36 0.88 5.41
CA PHE A 16 0.11 0.26 5.37
C PHE A 16 -0.17 -0.29 6.78
N ASP A 17 0.88 -0.53 7.53
CA ASP A 17 0.76 -0.85 8.95
C ASP A 17 0.59 0.42 9.75
N ARG A 18 1.40 1.41 9.40
CA ARG A 18 1.37 2.71 10.05
C ARG A 18 -0.01 3.36 9.90
N TYR A 19 -0.71 3.01 8.84
CA TYR A 19 -2.03 3.54 8.59
C TYR A 19 -3.06 2.46 8.89
N LYS A 20 -2.57 1.38 9.51
CA LYS A 20 -3.37 0.22 9.91
C LYS A 20 -4.40 -0.16 8.85
N LEU A 21 -3.94 -0.68 7.71
CA LEU A 21 -4.86 -0.96 6.64
C LEU A 21 -5.58 -2.26 6.90
N ASP A 22 -6.63 -2.45 6.15
CA ASP A 22 -7.26 -3.74 6.06
C ASP A 22 -6.73 -4.39 4.81
N LYS A 23 -5.61 -5.03 5.03
CA LYS A 23 -4.80 -5.54 3.94
C LYS A 23 -5.56 -6.60 3.13
N PHE A 24 -6.46 -7.32 3.81
CA PHE A 24 -7.19 -8.43 3.20
C PHE A 24 -8.47 -7.98 2.50
N SER A 25 -9.08 -6.90 3.00
CA SER A 25 -10.43 -6.51 2.56
C SER A 25 -10.45 -6.11 1.07
N THR A 26 -10.03 -4.89 0.78
CA THR A 26 -10.04 -4.38 -0.58
C THR A 26 -8.82 -3.61 -0.82
N TRP A 27 -8.48 -3.55 -2.06
CA TRP A 27 -7.33 -2.77 -2.44
C TRP A 27 -7.64 -1.33 -2.21
N SER A 28 -8.77 -0.90 -2.72
CA SER A 28 -9.04 0.49 -2.69
C SER A 28 -9.59 1.04 -1.42
N LEU A 29 -10.39 0.31 -0.65
CA LEU A 29 -10.84 0.86 0.62
C LEU A 29 -9.61 1.38 1.33
N GLN A 30 -8.50 0.73 0.99
CA GLN A 30 -7.18 1.18 1.39
C GLN A 30 -6.67 2.28 0.46
N SER A 31 -6.73 2.03 -0.85
CA SER A 31 -6.14 2.94 -1.85
C SER A 31 -6.94 4.18 -2.22
N LYS A 32 -8.26 4.07 -2.36
CA LYS A 32 -9.08 5.25 -2.51
C LYS A 32 -9.00 6.06 -1.22
N LYS A 33 -8.39 5.42 -0.22
CA LYS A 33 -8.18 6.05 1.08
C LYS A 33 -6.74 6.59 1.19
N ILE A 34 -5.73 5.76 0.92
CA ILE A 34 -4.33 6.19 1.00
C ILE A 34 -3.99 7.11 -0.16
N GLU A 35 -4.96 7.24 -1.06
CA GLU A 35 -4.91 8.16 -2.19
C GLU A 35 -4.43 9.54 -1.78
N ASN A 36 -5.35 10.29 -1.20
CA ASN A 36 -5.06 11.64 -0.67
C ASN A 36 -3.84 11.67 0.24
N ASP A 37 -3.53 10.55 0.89
CA ASP A 37 -2.37 10.48 1.78
C ASP A 37 -1.07 10.58 0.99
N PRO A 38 0.02 10.97 1.65
CA PRO A 38 1.35 10.88 1.06
C PRO A 38 1.80 9.42 0.96
N ASP A 39 0.90 8.52 1.37
CA ASP A 39 1.14 7.09 1.37
C ASP A 39 1.24 6.59 -0.07
N PHE A 40 0.26 6.96 -0.89
CA PHE A 40 0.26 6.64 -2.32
C PHE A 40 1.51 7.20 -3.00
N TYR A 41 1.83 8.44 -2.67
CA TYR A 41 2.78 9.23 -3.44
C TYR A 41 4.23 8.87 -3.13
N LYS A 42 4.44 7.80 -2.39
CA LYS A 42 5.79 7.29 -2.19
C LYS A 42 6.24 6.54 -3.44
N ILE A 43 5.26 6.02 -4.17
CA ILE A 43 5.50 5.38 -5.46
C ILE A 43 4.60 6.01 -6.52
N ARG A 44 5.19 6.47 -7.61
CA ARG A 44 4.45 7.12 -8.68
C ARG A 44 3.49 6.15 -9.36
N ASP A 45 3.97 4.94 -9.62
CA ASP A 45 3.22 3.95 -10.38
C ASP A 45 2.13 3.32 -9.53
N ASP A 46 0.89 3.71 -9.78
CA ASP A 46 -0.27 3.19 -9.06
C ASP A 46 -0.47 1.71 -9.37
N THR A 47 0.03 1.29 -10.54
CA THR A 47 -0.09 -0.10 -10.96
C THR A 47 0.86 -1.00 -10.17
N VAL A 48 1.70 -0.39 -9.34
CA VAL A 48 2.59 -1.15 -8.47
C VAL A 48 2.06 -1.11 -7.04
N ARG A 49 1.35 -0.03 -6.72
CA ARG A 49 0.83 0.21 -5.38
C ARG A 49 -0.02 -0.93 -4.88
N GLU A 50 -0.97 -1.39 -5.66
CA GLU A 50 -1.78 -2.50 -5.23
C GLU A 50 -1.14 -3.85 -5.42
N SER A 51 -0.07 -3.88 -6.11
CA SER A 51 0.78 -5.07 -6.04
C SER A 51 1.50 -5.13 -4.69
N LEU A 52 1.40 -4.05 -3.92
CA LEU A 52 2.12 -3.90 -2.67
C LEU A 52 1.54 -4.67 -1.56
N PHE A 53 0.37 -4.44 -1.51
CA PHE A 53 -0.45 -4.69 -0.45
C PHE A 53 -0.81 -6.15 -0.41
N GLU A 54 -0.84 -6.73 -1.60
CA GLU A 54 -0.98 -8.17 -1.75
C GLU A 54 0.09 -8.87 -0.92
N GLU A 55 1.32 -8.39 -1.05
CA GLU A 55 2.44 -9.08 -0.44
C GLU A 55 2.49 -8.87 1.06
N TRP A 56 2.42 -7.60 1.50
CA TRP A 56 2.50 -7.27 2.94
C TRP A 56 1.36 -7.92 3.72
N CYS A 57 0.31 -8.20 3.00
CA CYS A 57 -0.95 -8.71 3.53
C CYS A 57 -0.80 -10.12 4.06
N GLY A 58 -0.23 -10.98 3.24
CA GLY A 58 -0.01 -12.35 3.62
C GLY A 58 1.46 -12.61 3.70
N GLU A 59 2.17 -11.64 4.26
CA GLU A 59 3.59 -11.64 4.22
C GLU A 59 4.17 -12.24 5.50
#